data_1MMY
#
_entry.id   1MMY
#
_cell.length_a   44.900
_cell.length_b   76.300
_cell.length_c   210.800
_cell.angle_alpha   90.00
_cell.angle_beta   90.00
_cell.angle_gamma   90.00
#
_symmetry.space_group_name_H-M   'P 21 21 21'
#
loop_
_entity.id
_entity.type
_entity.pdbx_description
1 polymer 'Aldose 1-epimerase'
2 non-polymer alpha-D-quinovopyranose
3 non-polymer 'SODIUM ION'
4 water water
#
_entity_poly.entity_id   1
_entity_poly.type   'polypeptide(L)'
_entity_poly.pdbx_seq_one_letter_code
;MSIKIRDFGLGSDLISLTNKAGVTISFTNLGARIVDWQKDGKHLILGFDSAKEYLEKDAYPGATVGPTAGRIKDGLVKIS
GKDYILNQNEGPQTLHGGEESIHTKLWTYEVTDLGAEVQVKFSLVSNDGTNGYPGKIEMSVTHSFDDDNKWKIHYEAISD
KDTVFNPTGHVYFNLNGDASESVENHGLRLAASRFVPLKDQTEIVRGDIVDIKNTDLDFRQEKQLSNAFNSNMEQVQLVK
GIDHPFLLDQLGLDKEQARLTLDDTSISVFTDQPSIVIFTANFGDLGTLYHEKKQVHHGGITFECQVSPGSEQIPELGDI
SLKAGEKYQATTIYSLHTKLEHHHHHH
;
_entity_poly.pdbx_strand_id   A,B
#
loop_
_chem_comp.id
_chem_comp.type
_chem_comp.name
_chem_comp.formula
G6D D-saccharide, alpha linking alpha-D-quinovopyranose 'C6 H12 O5'
NA non-polymer 'SODIUM ION' 'Na 1'
#
# COMPACT_ATOMS: atom_id res chain seq x y z
N SER A 2 -26.20 2.81 -12.15
CA SER A 2 -25.38 3.98 -12.11
C SER A 2 -24.18 3.74 -11.19
N ILE A 3 -23.08 4.45 -11.46
CA ILE A 3 -21.84 4.37 -10.69
C ILE A 3 -21.48 5.77 -10.20
N LYS A 4 -21.06 5.86 -8.97
CA LYS A 4 -20.67 7.14 -8.45
C LYS A 4 -19.41 6.92 -7.60
N ILE A 5 -18.39 7.74 -7.89
CA ILE A 5 -17.13 7.70 -7.17
C ILE A 5 -16.85 8.99 -6.38
N ARG A 6 -16.59 8.82 -5.11
CA ARG A 6 -16.31 9.99 -4.34
C ARG A 6 -15.19 9.79 -3.31
N ASP A 7 -14.67 10.91 -2.81
CA ASP A 7 -13.62 10.81 -1.85
C ASP A 7 -14.20 10.26 -0.54
N PHE A 8 -13.57 9.25 0.05
CA PHE A 8 -14.05 8.67 1.28
C PHE A 8 -13.23 9.04 2.49
N GLY A 9 -12.17 9.83 2.28
CA GLY A 9 -11.28 10.26 3.35
C GLY A 9 -9.90 9.62 3.31
N LEU A 10 -8.87 10.37 3.72
CA LEU A 10 -7.49 9.90 3.78
C LEU A 10 -6.95 9.47 2.43
N GLY A 11 -7.58 9.92 1.36
CA GLY A 11 -7.16 9.53 0.05
C GLY A 11 -7.93 8.35 -0.46
N SER A 12 -8.74 7.71 0.36
CA SER A 12 -9.50 6.58 -0.14
C SER A 12 -10.73 7.02 -0.94
N ASP A 13 -11.21 6.08 -1.74
CA ASP A 13 -12.37 6.31 -2.55
C ASP A 13 -13.56 5.49 -2.17
N LEU A 14 -14.72 6.05 -2.49
CA LEU A 14 -15.95 5.34 -2.26
C LEU A 14 -16.62 5.15 -3.62
N ILE A 15 -16.86 3.89 -3.96
CA ILE A 15 -17.46 3.50 -5.22
C ILE A 15 -18.86 2.94 -4.93
N SER A 16 -19.87 3.66 -5.40
CA SER A 16 -21.27 3.29 -5.17
C SER A 16 -21.97 2.84 -6.40
N LEU A 17 -22.54 1.65 -6.28
CA LEU A 17 -23.25 1.06 -7.40
C LEU A 17 -24.74 0.90 -7.10
N THR A 18 -25.53 1.34 -8.08
CA THR A 18 -26.99 1.28 -8.00
C THR A 18 -27.48 0.51 -9.19
N ASN A 19 -28.17 -0.61 -8.96
CA ASN A 19 -28.60 -1.41 -10.07
C ASN A 19 -29.95 -0.96 -10.60
N LYS A 20 -30.51 -1.74 -11.52
CA LYS A 20 -31.81 -1.42 -12.10
C LYS A 20 -32.94 -1.43 -11.05
N ALA A 21 -32.74 -2.20 -9.98
CA ALA A 21 -33.73 -2.30 -8.93
C ALA A 21 -33.70 -1.14 -7.92
N GLY A 22 -32.71 -0.27 -8.01
CA GLY A 22 -32.68 0.81 -7.05
C GLY A 22 -31.89 0.43 -5.83
N VAL A 23 -31.30 -0.76 -5.85
CA VAL A 23 -30.51 -1.12 -4.68
C VAL A 23 -29.14 -0.52 -4.83
N THR A 24 -28.64 0.04 -3.72
CA THR A 24 -27.31 0.64 -3.69
C THR A 24 -26.28 -0.13 -2.82
N ILE A 25 -25.10 -0.40 -3.41
CA ILE A 25 -24.00 -1.10 -2.70
C ILE A 25 -22.76 -0.21 -2.86
N SER A 26 -22.00 -0.05 -1.78
CA SER A 26 -20.81 0.80 -1.85
C SER A 26 -19.55 0.11 -1.30
N PHE A 27 -18.41 0.42 -1.95
CA PHE A 27 -17.13 -0.14 -1.54
C PHE A 27 -16.07 0.91 -1.43
N THR A 28 -15.02 0.52 -0.74
CA THR A 28 -13.88 1.40 -0.62
C THR A 28 -12.60 0.62 -0.88
N ASN A 29 -11.62 1.36 -1.50
CA ASN A 29 -10.34 0.71 -1.79
C ASN A 29 -9.56 0.53 -0.52
N LEU A 30 -10.00 1.17 0.56
CA LEU A 30 -9.32 0.98 1.79
C LEU A 30 -9.73 -0.43 2.30
N GLY A 31 -8.85 -1.40 2.01
CA GLY A 31 -9.10 -2.75 2.45
C GLY A 31 -10.05 -3.54 1.54
N ALA A 32 -10.27 -3.10 0.26
CA ALA A 32 -11.14 -3.82 -0.73
C ALA A 32 -12.41 -4.26 -0.02
N ARG A 33 -13.08 -3.25 0.52
CA ARG A 33 -14.20 -3.49 1.38
C ARG A 33 -15.57 -2.93 1.01
N ILE A 34 -16.55 -3.65 1.54
CA ILE A 34 -17.94 -3.29 1.40
C ILE A 34 -18.26 -2.33 2.53
N VAL A 35 -18.77 -1.15 2.14
CA VAL A 35 -19.12 -0.12 3.12
C VAL A 35 -20.59 -0.08 3.50
N ASP A 36 -21.45 -0.17 2.48
CA ASP A 36 -22.88 -0.15 2.66
C ASP A 36 -23.57 -0.99 1.62
N TRP A 37 -24.79 -1.32 1.98
CA TRP A 37 -25.67 -2.10 1.17
C TRP A 37 -27.05 -1.67 1.65
N GLN A 38 -27.77 -0.97 0.78
CA GLN A 38 -29.08 -0.52 1.20
C GLN A 38 -30.21 -0.60 0.21
N LYS A 39 -31.38 -0.87 0.78
CA LYS A 39 -32.63 -0.99 0.07
C LYS A 39 -33.70 -0.17 0.75
N ASP A 40 -34.40 0.60 -0.10
CA ASP A 40 -35.49 1.46 0.33
C ASP A 40 -35.09 2.19 1.54
N GLY A 41 -33.86 2.73 1.49
CA GLY A 41 -33.28 3.52 2.56
C GLY A 41 -32.86 2.78 3.82
N LYS A 42 -32.82 1.48 3.77
CA LYS A 42 -32.45 0.78 4.96
C LYS A 42 -31.11 0.08 4.80
N HIS A 43 -30.21 0.19 5.75
CA HIS A 43 -28.92 -0.51 5.62
C HIS A 43 -29.06 -1.95 5.98
N LEU A 44 -28.45 -2.81 5.18
CA LEU A 44 -28.52 -4.23 5.48
C LEU A 44 -27.32 -4.78 6.22
N ILE A 45 -26.25 -4.00 6.16
CA ILE A 45 -24.97 -4.35 6.75
C ILE A 45 -24.47 -3.24 7.60
N LEU A 46 -23.42 -3.54 8.37
CA LEU A 46 -22.82 -2.50 9.21
C LEU A 46 -21.69 -1.77 8.48
N GLY A 47 -21.56 -0.47 8.73
CA GLY A 47 -20.50 0.24 8.08
C GLY A 47 -20.44 1.65 8.61
N PHE A 48 -19.34 2.32 8.35
CA PHE A 48 -19.11 3.68 8.80
C PHE A 48 -19.27 4.71 7.70
N ASP A 49 -19.15 5.96 8.11
CA ASP A 49 -19.32 7.01 7.12
C ASP A 49 -18.06 7.67 6.53
N SER A 50 -16.85 7.21 6.96
CA SER A 50 -15.61 7.75 6.42
C SER A 50 -14.52 6.75 6.67
N ALA A 51 -13.42 6.94 5.91
CA ALA A 51 -12.28 6.05 6.08
C ALA A 51 -11.71 6.14 7.48
N LYS A 52 -11.67 7.37 7.98
CA LYS A 52 -11.10 7.53 9.33
C LYS A 52 -11.77 6.68 10.38
N GLU A 53 -13.08 6.50 10.28
CA GLU A 53 -13.79 5.74 11.28
C GLU A 53 -13.34 4.32 11.40
N TYR A 54 -13.09 3.76 10.23
CA TYR A 54 -12.65 2.40 10.20
C TYR A 54 -11.29 2.23 10.88
N LEU A 55 -10.41 3.22 10.63
CA LEU A 55 -9.08 3.20 11.19
C LEU A 55 -9.12 3.45 12.69
N GLU A 56 -9.98 4.31 13.10
CA GLU A 56 -10.07 4.57 14.53
C GLU A 56 -11.00 3.63 15.33
N LYS A 57 -12.09 3.17 14.72
CA LYS A 57 -12.98 2.34 15.50
C LYS A 57 -12.84 0.86 15.30
N ASP A 58 -12.88 0.42 14.07
CA ASP A 58 -12.78 -0.99 13.90
C ASP A 58 -12.47 -1.16 12.44
N ALA A 59 -11.30 -1.76 12.15
CA ALA A 59 -10.85 -1.90 10.78
C ALA A 59 -11.32 -3.11 10.05
N TYR A 60 -12.02 -3.99 10.77
CA TYR A 60 -12.46 -5.23 10.10
C TYR A 60 -13.77 -5.27 9.35
N PRO A 61 -14.77 -4.51 9.83
CA PRO A 61 -16.08 -4.56 9.18
C PRO A 61 -16.09 -4.43 7.66
N GLY A 62 -16.57 -5.45 6.96
CA GLY A 62 -16.66 -5.41 5.49
C GLY A 62 -15.35 -5.55 4.72
N ALA A 63 -14.23 -5.69 5.43
CA ALA A 63 -12.92 -5.79 4.76
C ALA A 63 -12.56 -7.14 4.23
N THR A 64 -11.62 -7.08 3.27
CA THR A 64 -11.02 -8.31 2.76
C THR A 64 -9.93 -8.56 3.83
N VAL A 65 -9.90 -9.72 4.48
CA VAL A 65 -8.87 -9.97 5.47
C VAL A 65 -8.03 -11.14 4.97
N GLY A 66 -6.74 -11.10 5.30
CA GLY A 66 -5.82 -12.13 4.90
C GLY A 66 -4.40 -11.67 5.15
N PRO A 67 -3.42 -12.35 4.57
CA PRO A 67 -3.58 -13.52 3.67
C PRO A 67 -4.30 -14.70 4.22
N THR A 68 -4.26 -14.82 5.55
CA THR A 68 -4.93 -15.95 6.13
C THR A 68 -5.97 -15.38 7.04
N ALA A 69 -7.22 -15.79 6.84
CA ALA A 69 -8.29 -15.28 7.69
C ALA A 69 -8.38 -16.11 8.96
N GLY A 70 -8.56 -15.49 10.11
CA GLY A 70 -8.69 -16.30 11.30
C GLY A 70 -7.46 -16.29 12.20
N ARG A 71 -7.49 -17.15 13.24
CA ARG A 71 -6.37 -17.30 14.18
C ARG A 71 -5.44 -18.46 13.88
N ILE A 72 -4.13 -18.14 13.92
CA ILE A 72 -3.08 -19.14 13.76
C ILE A 72 -2.35 -19.31 15.09
N LYS A 73 -2.50 -20.51 15.70
CA LYS A 73 -1.89 -20.73 16.98
C LYS A 73 -0.41 -20.43 17.00
N ASP A 74 0.05 -19.56 17.90
CA ASP A 74 1.46 -19.19 18.00
C ASP A 74 2.07 -18.56 16.75
N GLY A 75 1.24 -18.12 15.82
CA GLY A 75 1.74 -17.54 14.59
C GLY A 75 2.54 -18.55 13.79
N LEU A 76 2.41 -19.83 14.10
CA LEU A 76 3.18 -20.85 13.41
C LEU A 76 2.57 -21.63 12.26
N VAL A 77 3.24 -21.60 11.09
CA VAL A 77 2.80 -22.34 9.90
C VAL A 77 3.96 -23.14 9.38
N LYS A 78 3.68 -24.29 8.78
CA LYS A 78 4.77 -25.06 8.27
C LYS A 78 4.71 -24.94 6.77
N ILE A 79 5.78 -24.50 6.12
CA ILE A 79 5.78 -24.37 4.68
C ILE A 79 6.90 -25.21 4.17
N SER A 80 6.51 -26.12 3.28
CA SER A 80 7.41 -27.10 2.67
C SER A 80 8.35 -27.69 3.73
N GLY A 81 7.73 -28.17 4.81
CA GLY A 81 8.42 -28.78 5.91
C GLY A 81 9.14 -27.77 6.77
N LYS A 82 9.01 -26.51 6.49
CA LYS A 82 9.74 -25.59 7.33
C LYS A 82 8.82 -24.72 8.16
N ASP A 83 9.24 -24.44 9.40
CA ASP A 83 8.45 -23.60 10.26
C ASP A 83 8.69 -22.18 9.91
N TYR A 84 7.58 -21.43 9.92
CA TYR A 84 7.59 -20.00 9.67
C TYR A 84 6.72 -19.35 10.73
N ILE A 85 7.23 -18.28 11.37
CA ILE A 85 6.48 -17.53 12.38
C ILE A 85 6.00 -16.22 11.77
N LEU A 86 4.68 -16.02 11.75
CA LEU A 86 4.05 -14.84 11.20
C LEU A 86 3.91 -13.79 12.27
N ASN A 87 3.63 -12.57 11.83
CA ASN A 87 3.43 -11.49 12.79
C ASN A 87 2.38 -11.91 13.85
N GLN A 88 2.71 -11.67 15.13
CA GLN A 88 1.79 -11.99 16.22
C GLN A 88 1.08 -10.75 16.75
N ASN A 89 -0.22 -10.70 16.52
CA ASN A 89 -0.98 -9.52 16.90
C ASN A 89 -2.07 -9.74 17.93
N GLU A 90 -2.16 -10.93 18.48
CA GLU A 90 -3.15 -11.14 19.48
C GLU A 90 -2.53 -12.13 20.39
N GLY A 91 -1.74 -11.63 21.32
CA GLY A 91 -1.07 -12.58 22.16
C GLY A 91 -0.08 -13.24 21.19
N PRO A 92 0.19 -14.54 21.36
CA PRO A 92 1.09 -15.26 20.48
C PRO A 92 0.44 -15.68 19.17
N GLN A 93 -0.83 -15.36 19.02
CA GLN A 93 -1.51 -15.76 17.81
C GLN A 93 -1.36 -14.74 16.71
N THR A 94 -1.54 -15.26 15.52
CA THR A 94 -1.56 -14.41 14.34
C THR A 94 -3.06 -14.35 13.98
N LEU A 95 -3.69 -13.18 14.07
CA LEU A 95 -5.11 -13.06 13.76
C LEU A 95 -5.33 -12.22 12.52
N HIS A 96 -6.05 -12.73 11.54
CA HIS A 96 -6.31 -11.97 10.31
C HIS A 96 -5.08 -11.40 9.59
N GLY A 97 -4.04 -12.23 9.48
CA GLY A 97 -2.84 -11.87 8.79
C GLY A 97 -1.86 -11.01 9.58
N GLY A 98 -2.12 -10.71 10.84
CA GLY A 98 -1.14 -9.90 11.60
C GLY A 98 -1.49 -8.39 11.62
N GLU A 99 -0.65 -7.62 12.28
CA GLU A 99 -0.91 -6.20 12.39
C GLU A 99 -0.81 -5.49 11.07
N GLU A 100 -1.52 -4.37 10.95
CA GLU A 100 -1.44 -3.54 9.74
C GLU A 100 -1.50 -4.35 8.46
N SER A 101 -2.39 -5.30 8.46
CA SER A 101 -2.56 -6.16 7.31
C SER A 101 -3.29 -5.59 6.10
N ILE A 102 -3.61 -6.46 5.14
CA ILE A 102 -4.23 -6.01 3.91
C ILE A 102 -5.53 -5.24 4.04
N HIS A 103 -6.22 -5.34 5.17
CA HIS A 103 -7.45 -4.61 5.36
C HIS A 103 -7.19 -3.13 5.67
N THR A 104 -5.95 -2.76 5.98
CA THR A 104 -5.64 -1.37 6.33
C THR A 104 -4.87 -0.72 5.20
N LYS A 105 -4.72 -1.41 4.07
CA LYS A 105 -3.99 -0.85 2.90
C LYS A 105 -4.96 -0.27 1.84
N LEU A 106 -4.44 0.69 1.04
CA LEU A 106 -5.26 1.24 0.02
C LEU A 106 -4.90 0.40 -1.17
N TRP A 107 -5.90 -0.22 -1.77
CA TRP A 107 -5.70 -1.10 -2.91
C TRP A 107 -5.92 -0.30 -4.16
N THR A 108 -5.28 -0.69 -5.26
CA THR A 108 -5.60 0.03 -6.48
C THR A 108 -6.87 -0.70 -7.00
N TYR A 109 -7.57 -0.03 -7.88
CA TYR A 109 -8.79 -0.58 -8.48
C TYR A 109 -9.17 0.02 -9.81
N GLU A 110 -9.95 -0.80 -10.48
CA GLU A 110 -10.50 -0.47 -11.77
C GLU A 110 -11.90 -0.99 -11.81
N VAL A 111 -12.77 -0.15 -12.37
CA VAL A 111 -14.20 -0.40 -12.52
C VAL A 111 -14.54 -0.86 -13.92
N THR A 112 -15.33 -1.90 -14.00
CA THR A 112 -15.76 -2.39 -15.31
C THR A 112 -17.29 -2.46 -15.34
N ASP A 113 -17.89 -1.66 -16.22
CA ASP A 113 -19.33 -1.59 -16.33
C ASP A 113 -19.82 -2.54 -17.40
N LEU A 114 -20.56 -3.58 -17.02
CA LEU A 114 -21.05 -4.53 -18.02
C LEU A 114 -22.56 -4.40 -18.29
N GLY A 115 -23.12 -3.32 -17.77
CA GLY A 115 -24.53 -3.08 -17.96
C GLY A 115 -25.35 -3.68 -16.85
N ALA A 116 -25.74 -4.94 -17.02
CA ALA A 116 -26.54 -5.57 -15.97
C ALA A 116 -25.68 -5.86 -14.74
N GLU A 117 -24.39 -5.91 -15.01
CA GLU A 117 -23.36 -6.16 -14.00
C GLU A 117 -22.21 -5.16 -14.02
N VAL A 118 -21.81 -4.75 -12.81
CA VAL A 118 -20.67 -3.84 -12.67
C VAL A 118 -19.64 -4.50 -11.77
N GLN A 119 -18.40 -4.40 -12.20
CA GLN A 119 -17.36 -5.00 -11.41
C GLN A 119 -16.33 -3.99 -11.00
N VAL A 120 -15.82 -4.18 -9.81
CA VAL A 120 -14.78 -3.34 -9.27
C VAL A 120 -13.65 -4.29 -8.86
N LYS A 121 -12.55 -4.21 -9.60
CA LYS A 121 -11.37 -5.04 -9.35
C LYS A 121 -10.29 -4.28 -8.55
N PHE A 122 -10.08 -4.79 -7.35
CA PHE A 122 -9.09 -4.26 -6.41
C PHE A 122 -7.82 -5.10 -6.49
N SER A 123 -6.65 -4.43 -6.50
CA SER A 123 -5.38 -5.14 -6.56
C SER A 123 -4.40 -4.66 -5.53
N LEU A 124 -3.62 -5.62 -5.08
CA LEU A 124 -2.58 -5.41 -4.09
C LEU A 124 -1.50 -6.48 -4.15
N VAL A 125 -0.26 -5.99 -3.95
CA VAL A 125 0.91 -6.88 -3.89
C VAL A 125 1.36 -6.95 -2.47
N SER A 126 1.41 -8.19 -2.00
CA SER A 126 1.95 -8.42 -0.67
C SER A 126 3.41 -8.84 -0.98
N ASN A 127 4.37 -8.00 -0.57
CA ASN A 127 5.78 -8.25 -0.81
C ASN A 127 6.22 -9.48 -0.05
N ASP A 128 7.28 -10.09 -0.59
CA ASP A 128 7.87 -11.25 0.04
C ASP A 128 8.37 -10.87 1.42
N GLY A 129 7.99 -11.67 2.40
CA GLY A 129 8.41 -11.42 3.78
C GLY A 129 7.42 -10.60 4.60
N THR A 130 6.43 -9.94 3.97
CA THR A 130 5.42 -9.10 4.70
C THR A 130 4.74 -9.87 5.83
N ASN A 131 4.92 -9.38 7.07
CA ASN A 131 4.37 -10.03 8.26
C ASN A 131 4.76 -11.49 8.37
N GLY A 132 5.91 -11.87 7.78
CA GLY A 132 6.42 -13.23 7.86
C GLY A 132 5.96 -14.13 6.74
N TYR A 133 5.13 -13.61 5.85
CA TYR A 133 4.60 -14.46 4.75
C TYR A 133 5.49 -14.49 3.52
N PRO A 134 5.87 -15.66 3.02
CA PRO A 134 6.67 -15.76 1.81
C PRO A 134 5.88 -15.23 0.64
N GLY A 135 6.54 -14.66 -0.38
CA GLY A 135 5.82 -14.11 -1.51
C GLY A 135 6.81 -13.84 -2.60
N LYS A 136 6.59 -12.81 -3.39
CA LYS A 136 5.44 -11.94 -3.29
C LYS A 136 4.19 -12.62 -3.78
N ILE A 137 3.08 -12.07 -3.28
CA ILE A 137 1.74 -12.53 -3.65
C ILE A 137 1.00 -11.39 -4.36
N GLU A 138 0.66 -11.61 -5.63
CA GLU A 138 -0.10 -10.61 -6.29
C GLU A 138 -1.54 -11.00 -6.06
N MET A 139 -2.34 -10.16 -5.37
CA MET A 139 -3.74 -10.49 -5.08
C MET A 139 -4.76 -9.57 -5.75
N SER A 140 -5.94 -10.11 -6.05
CA SER A 140 -7.02 -9.31 -6.62
C SER A 140 -8.30 -9.79 -6.02
N VAL A 141 -9.16 -8.84 -5.74
CA VAL A 141 -10.45 -9.16 -5.21
C VAL A 141 -11.42 -8.41 -6.02
N THR A 142 -12.32 -9.14 -6.62
CA THR A 142 -13.30 -8.45 -7.44
C THR A 142 -14.67 -8.48 -6.80
N HIS A 143 -15.19 -7.29 -6.52
CA HIS A 143 -16.51 -7.15 -5.97
C HIS A 143 -17.45 -6.78 -7.14
N SER A 144 -18.54 -7.54 -7.32
CA SER A 144 -19.47 -7.18 -8.36
C SER A 144 -20.90 -7.18 -7.83
N PHE A 145 -21.71 -6.39 -8.53
CA PHE A 145 -23.13 -6.23 -8.20
C PHE A 145 -23.95 -6.21 -9.47
N ASP A 146 -25.05 -6.97 -9.42
CA ASP A 146 -25.91 -7.05 -10.60
C ASP A 146 -27.37 -6.67 -10.44
N ASP A 147 -28.02 -6.67 -11.58
CA ASP A 147 -29.41 -6.35 -11.57
C ASP A 147 -30.22 -7.38 -10.84
N ASP A 148 -29.66 -8.54 -10.51
CA ASP A 148 -30.47 -9.52 -9.79
C ASP A 148 -30.19 -9.44 -8.31
N ASN A 149 -29.57 -8.33 -7.91
CA ASN A 149 -29.25 -8.14 -6.49
C ASN A 149 -28.24 -9.12 -5.92
N LYS A 150 -27.37 -9.63 -6.80
CA LYS A 150 -26.31 -10.55 -6.37
C LYS A 150 -24.99 -9.82 -6.15
N TRP A 151 -24.48 -9.91 -4.95
CA TRP A 151 -23.18 -9.32 -4.69
C TRP A 151 -22.18 -10.49 -4.60
N LYS A 152 -21.29 -10.47 -5.57
CA LYS A 152 -20.30 -11.51 -5.66
C LYS A 152 -18.86 -11.03 -5.40
N ILE A 153 -18.09 -11.91 -4.76
CA ILE A 153 -16.68 -11.71 -4.39
C ILE A 153 -15.84 -12.81 -5.01
N HIS A 154 -14.94 -12.36 -5.87
CA HIS A 154 -14.06 -13.28 -6.54
C HIS A 154 -12.61 -12.92 -6.27
N TYR A 155 -11.94 -13.87 -5.60
CA TYR A 155 -10.54 -13.72 -5.26
C TYR A 155 -9.62 -14.48 -6.21
N GLU A 156 -8.52 -13.83 -6.53
CA GLU A 156 -7.47 -14.47 -7.30
C GLU A 156 -6.13 -14.09 -6.68
N ALA A 157 -5.16 -15.05 -6.74
CA ALA A 157 -3.81 -14.83 -6.23
C ALA A 157 -2.77 -15.75 -6.86
N ILE A 158 -1.55 -15.18 -7.00
CA ILE A 158 -0.36 -15.87 -7.49
C ILE A 158 0.83 -15.46 -6.64
N SER A 159 1.58 -16.47 -6.14
CA SER A 159 2.75 -16.20 -5.31
C SER A 159 4.03 -16.66 -6.01
N ASP A 160 5.10 -15.89 -5.81
CA ASP A 160 6.38 -16.23 -6.38
C ASP A 160 6.99 -17.40 -5.59
N LYS A 161 6.52 -17.66 -4.38
CA LYS A 161 7.06 -18.72 -3.56
C LYS A 161 5.97 -19.46 -2.84
N ASP A 162 6.30 -20.69 -2.37
CA ASP A 162 5.32 -21.47 -1.65
C ASP A 162 4.97 -20.66 -0.44
N THR A 163 3.68 -20.56 -0.23
CA THR A 163 3.16 -19.79 0.88
C THR A 163 1.84 -20.36 1.37
N VAL A 164 1.11 -19.56 2.13
CA VAL A 164 -0.19 -19.91 2.65
C VAL A 164 -1.18 -18.86 2.22
N PHE A 165 -2.42 -19.22 1.94
CA PHE A 165 -3.35 -18.19 1.50
C PHE A 165 -4.78 -18.65 1.70
N ASN A 166 -5.56 -17.83 2.41
CA ASN A 166 -6.95 -18.19 2.72
C ASN A 166 -7.68 -17.01 3.26
N PRO A 167 -7.93 -16.06 2.36
CA PRO A 167 -8.56 -14.82 2.75
C PRO A 167 -10.09 -14.96 2.91
N THR A 168 -10.74 -13.92 3.43
CA THR A 168 -12.21 -13.97 3.55
C THR A 168 -12.73 -12.56 3.54
N GLY A 169 -14.06 -12.45 3.43
CA GLY A 169 -14.73 -11.12 3.42
C GLY A 169 -15.38 -10.97 4.81
N HIS A 170 -15.15 -9.87 5.46
CA HIS A 170 -15.66 -9.70 6.80
C HIS A 170 -16.89 -8.80 6.97
N VAL A 171 -17.83 -8.85 6.03
CA VAL A 171 -19.06 -8.06 6.15
C VAL A 171 -19.86 -8.56 7.36
N TYR A 172 -20.52 -7.65 8.05
CA TYR A 172 -21.42 -7.94 9.16
C TYR A 172 -22.83 -7.52 8.68
N PHE A 173 -23.76 -8.44 8.78
CA PHE A 173 -25.12 -8.18 8.39
C PHE A 173 -25.94 -7.77 9.58
N ASN A 174 -26.94 -6.93 9.38
CA ASN A 174 -27.89 -6.51 10.42
C ASN A 174 -29.10 -5.99 9.71
N LEU A 175 -30.04 -6.92 9.51
CA LEU A 175 -31.26 -6.64 8.80
C LEU A 175 -32.15 -5.64 9.51
N ASN A 176 -31.88 -5.38 10.77
CA ASN A 176 -32.65 -4.39 11.47
C ASN A 176 -32.26 -3.03 10.92
N GLY A 177 -31.12 -2.97 10.25
CA GLY A 177 -30.65 -1.71 9.71
C GLY A 177 -30.25 -0.72 10.82
N ASP A 178 -29.96 -1.21 12.00
CA ASP A 178 -29.59 -0.35 13.12
C ASP A 178 -28.76 -1.22 14.06
N ALA A 179 -27.58 -0.71 14.46
CA ALA A 179 -26.61 -1.42 15.31
C ALA A 179 -27.02 -1.64 16.74
N SER A 180 -27.89 -0.75 17.22
CA SER A 180 -28.37 -0.82 18.57
C SER A 180 -29.39 -1.91 18.72
N GLU A 181 -29.70 -2.62 17.62
CA GLU A 181 -30.66 -3.71 17.68
C GLU A 181 -30.10 -5.09 17.41
N SER A 182 -30.18 -5.93 18.40
CA SER A 182 -29.71 -7.29 18.28
C SER A 182 -30.27 -8.10 17.08
N VAL A 183 -29.51 -9.03 16.56
CA VAL A 183 -29.93 -9.83 15.44
C VAL A 183 -30.61 -11.08 15.93
N GLU A 184 -30.81 -11.12 17.22
CA GLU A 184 -31.46 -12.27 17.85
C GLU A 184 -32.80 -12.61 17.21
N ASN A 185 -33.42 -11.60 16.61
CA ASN A 185 -34.69 -11.76 15.95
C ASN A 185 -34.57 -12.32 14.56
N HIS A 186 -33.38 -12.39 13.98
CA HIS A 186 -33.29 -12.96 12.64
C HIS A 186 -33.36 -14.49 12.69
N GLY A 187 -33.77 -15.03 11.57
CA GLY A 187 -33.86 -16.46 11.42
C GLY A 187 -32.64 -16.89 10.61
N LEU A 188 -32.06 -18.01 10.98
CA LEU A 188 -30.91 -18.49 10.26
C LEU A 188 -31.04 -19.93 9.86
N ARG A 189 -30.67 -20.22 8.65
CA ARG A 189 -30.64 -21.59 8.20
C ARG A 189 -29.19 -21.83 7.78
N LEU A 190 -28.62 -22.94 8.10
CA LEU A 190 -27.22 -23.19 7.72
C LEU A 190 -26.99 -24.66 7.49
N ALA A 191 -26.60 -24.98 6.27
CA ALA A 191 -26.36 -26.35 5.84
C ALA A 191 -25.05 -27.03 6.33
N ALA A 192 -24.87 -27.05 7.66
CA ALA A 192 -23.71 -27.62 8.30
C ALA A 192 -24.14 -28.49 9.46
N SER A 193 -23.57 -29.67 9.56
CA SER A 193 -23.95 -30.59 10.66
C SER A 193 -22.83 -30.70 11.67
N ARG A 194 -21.70 -30.02 11.41
CA ARG A 194 -20.53 -30.04 12.29
C ARG A 194 -19.93 -28.66 12.44
N PHE A 195 -19.25 -28.50 13.57
CA PHE A 195 -18.55 -27.30 13.89
C PHE A 195 -17.22 -27.64 14.57
N VAL A 196 -16.37 -26.60 14.68
CA VAL A 196 -15.04 -26.64 15.28
C VAL A 196 -15.04 -25.86 16.58
N PRO A 197 -14.99 -26.59 17.70
CA PRO A 197 -14.98 -26.00 19.00
C PRO A 197 -13.67 -25.28 19.29
N LEU A 198 -13.77 -24.26 20.14
CA LEU A 198 -12.62 -23.48 20.53
C LEU A 198 -12.02 -24.04 21.84
N LYS A 199 -10.73 -23.91 22.02
CA LYS A 199 -10.12 -24.43 23.21
C LYS A 199 -10.51 -23.64 24.44
N ASP A 200 -10.38 -22.34 24.34
CA ASP A 200 -10.69 -21.50 25.46
C ASP A 200 -10.83 -20.09 24.99
N GLN A 201 -10.74 -19.17 25.93
CA GLN A 201 -10.90 -17.75 25.64
C GLN A 201 -9.87 -17.17 24.67
N THR A 202 -8.83 -17.94 24.36
CA THR A 202 -7.81 -17.48 23.44
C THR A 202 -8.36 -17.69 22.04
N GLU A 203 -9.40 -18.53 21.99
CA GLU A 203 -10.09 -18.81 20.75
C GLU A 203 -9.36 -19.64 19.74
N ILE A 204 -8.31 -20.32 20.20
CA ILE A 204 -7.61 -21.21 19.30
C ILE A 204 -8.49 -22.48 19.24
N VAL A 205 -8.37 -23.27 18.18
CA VAL A 205 -9.18 -24.46 18.10
C VAL A 205 -8.82 -25.43 19.18
N ARG A 206 -9.84 -26.15 19.59
CA ARG A 206 -9.68 -27.11 20.61
C ARG A 206 -8.97 -28.37 20.13
N GLY A 207 -9.14 -28.72 18.88
CA GLY A 207 -8.46 -29.91 18.40
C GLY A 207 -9.37 -30.91 17.75
N ASP A 208 -10.65 -30.83 18.09
CA ASP A 208 -11.62 -31.77 17.55
C ASP A 208 -12.71 -31.19 16.68
N ILE A 209 -13.43 -32.10 16.05
CA ILE A 209 -14.55 -31.80 15.18
C ILE A 209 -15.78 -32.38 15.85
N VAL A 210 -16.78 -31.54 16.08
CA VAL A 210 -18.02 -31.91 16.75
C VAL A 210 -19.30 -31.89 15.95
N ASP A 211 -20.09 -32.94 16.13
CA ASP A 211 -21.37 -33.04 15.48
C ASP A 211 -22.39 -32.17 16.22
N ILE A 212 -23.10 -31.31 15.50
CA ILE A 212 -24.04 -30.42 16.15
C ILE A 212 -25.49 -30.74 15.93
N LYS A 213 -25.72 -31.76 15.12
CA LYS A 213 -27.06 -32.21 14.83
C LYS A 213 -27.84 -32.30 16.14
N ASN A 214 -29.05 -31.76 16.15
CA ASN A 214 -29.93 -31.78 17.31
C ASN A 214 -29.43 -31.05 18.55
N THR A 215 -28.78 -29.93 18.32
CA THR A 215 -28.29 -29.13 19.42
C THR A 215 -28.72 -27.71 19.14
N ASP A 216 -28.43 -26.82 20.06
CA ASP A 216 -28.81 -25.44 19.87
C ASP A 216 -28.13 -24.81 18.67
N LEU A 217 -27.11 -25.48 18.17
CA LEU A 217 -26.40 -24.96 17.02
C LEU A 217 -26.81 -25.62 15.73
N ASP A 218 -27.85 -26.43 15.79
CA ASP A 218 -28.25 -27.05 14.56
C ASP A 218 -29.19 -26.09 13.80
N PHE A 219 -28.77 -25.53 12.63
CA PHE A 219 -29.59 -24.60 11.88
C PHE A 219 -29.94 -25.17 10.56
N ARG A 220 -29.80 -26.48 10.48
CA ARG A 220 -30.11 -27.12 9.23
C ARG A 220 -31.56 -26.80 8.87
N GLN A 221 -32.33 -26.45 9.88
CA GLN A 221 -33.69 -26.07 9.64
C GLN A 221 -33.77 -24.68 10.14
N GLU A 222 -34.31 -23.77 9.36
CA GLU A 222 -34.37 -22.42 9.87
C GLU A 222 -34.77 -22.34 11.33
N LYS A 223 -34.13 -21.42 12.05
CA LYS A 223 -34.39 -21.14 13.44
C LYS A 223 -33.99 -19.75 13.84
N GLN A 224 -34.56 -19.27 14.93
CA GLN A 224 -34.22 -17.95 15.34
C GLN A 224 -32.94 -17.92 16.11
N LEU A 225 -32.18 -16.88 15.88
CA LEU A 225 -30.90 -16.74 16.54
C LEU A 225 -30.96 -16.76 18.05
N SER A 226 -32.03 -16.23 18.58
CA SER A 226 -32.17 -16.20 20.03
C SER A 226 -31.97 -17.60 20.61
N ASN A 227 -32.36 -18.56 19.83
CA ASN A 227 -32.20 -19.90 20.32
C ASN A 227 -30.77 -20.17 20.73
N ALA A 228 -29.86 -19.83 19.82
CA ALA A 228 -28.46 -20.05 20.05
C ALA A 228 -28.01 -19.17 21.17
N PHE A 229 -28.43 -17.94 21.04
CA PHE A 229 -28.05 -16.98 22.04
C PHE A 229 -28.47 -17.37 23.43
N ASN A 230 -29.57 -18.11 23.54
CA ASN A 230 -30.04 -18.46 24.87
C ASN A 230 -29.55 -19.76 25.36
N SER A 231 -28.82 -20.44 24.50
CA SER A 231 -28.27 -21.72 24.81
C SER A 231 -27.33 -21.77 25.98
N ASN A 232 -27.29 -22.93 26.59
CA ASN A 232 -26.37 -23.13 27.70
C ASN A 232 -25.19 -24.06 27.34
N MET A 233 -25.06 -24.36 26.04
CA MET A 233 -23.94 -25.15 25.53
C MET A 233 -22.66 -24.47 26.00
N GLU A 234 -21.67 -25.24 26.49
CA GLU A 234 -20.47 -24.56 26.96
C GLU A 234 -19.82 -23.68 25.88
N GLN A 235 -19.81 -24.16 24.63
CA GLN A 235 -19.18 -23.38 23.56
C GLN A 235 -19.85 -22.02 23.39
N VAL A 236 -21.20 -22.00 23.53
CA VAL A 236 -21.94 -20.72 23.42
C VAL A 236 -21.58 -19.79 24.57
N GLN A 237 -21.55 -20.39 25.75
CA GLN A 237 -21.23 -19.65 26.94
C GLN A 237 -19.80 -19.14 26.94
N LEU A 238 -18.92 -19.90 26.27
CA LEU A 238 -17.51 -19.54 26.19
C LEU A 238 -17.26 -18.17 25.57
N VAL A 239 -17.91 -17.96 24.43
CA VAL A 239 -17.76 -16.71 23.66
C VAL A 239 -18.90 -15.72 23.82
N LYS A 240 -19.98 -16.17 24.47
CA LYS A 240 -21.17 -15.36 24.68
C LYS A 240 -21.88 -15.09 23.35
N GLY A 241 -22.00 -16.13 22.56
CA GLY A 241 -22.64 -15.99 21.27
C GLY A 241 -22.06 -17.08 20.41
N ILE A 242 -21.83 -16.73 19.14
CA ILE A 242 -21.22 -17.66 18.21
C ILE A 242 -19.95 -16.99 17.66
N ASP A 243 -18.89 -17.79 17.61
CA ASP A 243 -17.58 -17.36 17.11
C ASP A 243 -16.88 -18.63 16.70
N HIS A 244 -17.43 -19.28 15.67
CA HIS A 244 -16.93 -20.56 15.24
C HIS A 244 -17.10 -20.86 13.77
N PRO A 245 -16.27 -21.83 13.39
CA PRO A 245 -16.27 -22.38 12.04
C PRO A 245 -17.30 -23.50 11.97
N PHE A 246 -18.10 -23.46 10.92
CA PHE A 246 -19.13 -24.46 10.68
C PHE A 246 -18.73 -25.20 9.46
N LEU A 247 -18.83 -26.50 9.49
CA LEU A 247 -18.43 -27.20 8.30
C LEU A 247 -19.60 -27.57 7.40
N LEU A 248 -19.57 -27.07 6.20
CA LEU A 248 -20.59 -27.31 5.24
C LEU A 248 -20.71 -28.79 4.88
N ASP A 249 -21.96 -29.26 4.80
CA ASP A 249 -22.22 -30.66 4.46
C ASP A 249 -21.97 -31.02 2.99
N GLN A 250 -22.29 -30.10 2.09
CA GLN A 250 -22.11 -30.32 0.67
C GLN A 250 -21.41 -29.10 0.06
N LEU A 251 -20.38 -29.33 -0.72
CA LEU A 251 -19.71 -28.19 -1.28
C LEU A 251 -20.04 -27.94 -2.70
N GLY A 252 -19.92 -26.70 -3.10
CA GLY A 252 -20.22 -26.30 -4.46
C GLY A 252 -20.95 -25.00 -4.41
N LEU A 253 -20.70 -24.17 -5.45
CA LEU A 253 -21.26 -22.85 -5.59
C LEU A 253 -22.74 -22.80 -5.86
N ASP A 254 -23.33 -23.85 -6.39
CA ASP A 254 -24.76 -23.85 -6.72
C ASP A 254 -25.73 -24.00 -5.54
N LYS A 255 -25.29 -24.64 -4.49
CA LYS A 255 -26.09 -24.88 -3.31
C LYS A 255 -26.19 -23.65 -2.37
N GLU A 256 -27.40 -23.31 -1.92
CA GLU A 256 -27.55 -22.20 -0.98
C GLU A 256 -27.05 -22.78 0.32
N GLN A 257 -25.99 -22.20 0.84
CA GLN A 257 -25.39 -22.78 2.03
C GLN A 257 -25.93 -22.21 3.31
N ALA A 258 -26.42 -21.00 3.19
CA ALA A 258 -26.96 -20.34 4.36
C ALA A 258 -27.94 -19.28 3.93
N ARG A 259 -28.85 -19.04 4.86
CA ARG A 259 -29.85 -18.03 4.62
C ARG A 259 -30.18 -17.29 5.88
N LEU A 260 -30.10 -15.97 5.79
CA LEU A 260 -30.38 -15.11 6.93
C LEU A 260 -31.67 -14.34 6.62
N THR A 261 -32.69 -14.48 7.48
CA THR A 261 -33.98 -13.84 7.23
C THR A 261 -34.54 -12.95 8.31
N LEU A 262 -35.17 -11.86 7.88
CA LEU A 262 -35.83 -10.97 8.79
C LEU A 262 -37.04 -10.47 8.05
N ASP A 263 -38.20 -10.97 8.44
CA ASP A 263 -39.45 -10.55 7.79
C ASP A 263 -39.46 -10.82 6.30
N ASP A 264 -39.68 -9.81 5.50
CA ASP A 264 -39.72 -9.97 4.05
C ASP A 264 -38.40 -10.08 3.36
N THR A 265 -37.35 -9.77 4.11
CA THR A 265 -36.00 -9.72 3.58
C THR A 265 -35.10 -10.88 3.92
N SER A 266 -34.42 -11.34 2.89
CA SER A 266 -33.52 -12.44 3.14
C SER A 266 -32.21 -12.41 2.33
N ILE A 267 -31.09 -12.88 2.94
CA ILE A 267 -29.79 -12.94 2.26
C ILE A 267 -29.40 -14.39 2.14
N SER A 268 -29.12 -14.82 0.95
CA SER A 268 -28.67 -16.16 0.75
C SER A 268 -27.15 -16.12 0.50
N VAL A 269 -26.47 -17.12 1.04
CA VAL A 269 -25.02 -17.30 0.92
C VAL A 269 -24.61 -18.50 0.07
N PHE A 270 -23.81 -18.21 -0.96
CA PHE A 270 -23.27 -19.24 -1.84
C PHE A 270 -21.72 -19.10 -1.83
N THR A 271 -21.00 -20.25 -1.91
CA THR A 271 -19.53 -20.21 -1.91
C THR A 271 -18.90 -21.52 -2.37
N ASP A 272 -17.67 -21.43 -2.84
CA ASP A 272 -17.01 -22.66 -3.21
C ASP A 272 -16.10 -23.10 -2.09
N GLN A 273 -16.14 -22.39 -0.98
CA GLN A 273 -15.33 -22.74 0.18
C GLN A 273 -16.02 -23.81 1.00
N PRO A 274 -15.25 -24.45 1.86
CA PRO A 274 -15.81 -25.53 2.66
C PRO A 274 -16.32 -25.13 4.01
N SER A 275 -16.06 -23.89 4.44
CA SER A 275 -16.59 -23.62 5.74
C SER A 275 -17.11 -22.22 5.84
N ILE A 276 -17.89 -21.97 6.87
CA ILE A 276 -18.41 -20.65 7.12
C ILE A 276 -18.15 -20.36 8.59
N VAL A 277 -17.38 -19.30 8.78
CA VAL A 277 -17.10 -18.86 10.11
C VAL A 277 -18.15 -17.80 10.46
N ILE A 278 -18.84 -18.04 11.57
CA ILE A 278 -19.88 -17.15 12.03
C ILE A 278 -19.52 -16.48 13.34
N PHE A 279 -19.58 -15.19 13.31
CA PHE A 279 -19.28 -14.41 14.50
C PHE A 279 -20.45 -13.46 14.70
N THR A 280 -20.99 -13.45 15.91
CA THR A 280 -22.16 -12.61 16.18
C THR A 280 -21.87 -11.32 16.98
N ALA A 281 -20.79 -10.62 16.69
CA ALA A 281 -20.47 -9.39 17.36
C ALA A 281 -20.69 -9.42 18.85
N ASN A 282 -20.02 -10.37 19.49
CA ASN A 282 -20.12 -10.55 20.91
C ASN A 282 -19.32 -9.50 21.66
N PHE A 283 -19.55 -8.22 21.38
CA PHE A 283 -18.76 -7.18 22.00
C PHE A 283 -19.17 -6.67 23.36
N GLY A 284 -20.25 -7.23 23.88
CA GLY A 284 -20.69 -6.75 25.17
C GLY A 284 -21.09 -5.28 25.17
N ASP A 285 -20.54 -4.53 26.13
CA ASP A 285 -20.81 -3.12 26.34
C ASP A 285 -19.93 -2.23 25.50
N LEU A 286 -19.05 -2.82 24.70
CA LEU A 286 -18.18 -1.99 23.91
C LEU A 286 -18.88 -0.72 23.37
N GLY A 287 -20.05 -0.89 22.74
CA GLY A 287 -20.79 0.25 22.21
C GLY A 287 -20.17 0.98 21.02
N THR A 288 -19.43 0.31 20.12
CA THR A 288 -18.90 1.03 18.96
C THR A 288 -20.03 1.79 18.24
N LEU A 289 -19.79 3.02 17.78
CA LEU A 289 -20.83 3.76 17.10
C LEU A 289 -20.88 3.62 15.60
N TYR A 290 -22.06 3.27 15.12
CA TYR A 290 -22.34 3.14 13.70
C TYR A 290 -23.52 4.01 13.36
N HIS A 291 -23.20 5.07 12.65
CA HIS A 291 -24.21 6.02 12.23
C HIS A 291 -24.82 6.65 13.45
N GLU A 292 -23.97 6.91 14.40
CA GLU A 292 -24.42 7.52 15.61
C GLU A 292 -25.16 6.56 16.54
N LYS A 293 -25.38 5.32 16.09
CA LYS A 293 -26.03 4.33 16.93
C LYS A 293 -25.04 3.42 17.70
N LYS A 294 -25.19 3.37 19.01
CA LYS A 294 -24.32 2.55 19.83
C LYS A 294 -24.56 1.08 19.53
N GLN A 295 -23.50 0.37 19.16
CA GLN A 295 -23.70 -1.01 18.84
C GLN A 295 -23.97 -1.88 20.06
N VAL A 296 -24.95 -2.77 19.93
CA VAL A 296 -25.20 -3.65 21.06
C VAL A 296 -24.54 -5.04 20.87
N HIS A 297 -24.33 -5.73 21.98
CA HIS A 297 -23.83 -7.08 21.95
C HIS A 297 -24.78 -7.83 21.01
N HIS A 298 -24.23 -8.60 20.09
CA HIS A 298 -25.04 -9.31 19.14
C HIS A 298 -25.63 -8.47 18.04
N GLY A 299 -25.09 -7.25 17.90
CA GLY A 299 -25.53 -6.30 16.89
C GLY A 299 -25.06 -6.56 15.48
N GLY A 300 -24.69 -7.77 15.15
CA GLY A 300 -24.28 -8.02 13.78
C GLY A 300 -23.92 -9.46 13.67
N ILE A 301 -23.79 -9.94 12.46
CA ILE A 301 -23.40 -11.35 12.25
C ILE A 301 -22.66 -11.49 10.92
N THR A 302 -21.61 -12.31 10.96
CA THR A 302 -20.80 -12.50 9.78
C THR A 302 -21.02 -13.86 9.15
N PHE A 303 -20.63 -13.98 7.89
CA PHE A 303 -20.62 -15.25 7.19
C PHE A 303 -19.25 -15.25 6.47
N GLU A 304 -18.20 -15.65 7.16
CA GLU A 304 -16.84 -15.66 6.57
C GLU A 304 -16.59 -16.99 5.88
N CYS A 305 -16.68 -17.00 4.57
CA CYS A 305 -16.48 -18.25 3.85
C CYS A 305 -15.00 -18.41 3.57
N GLN A 306 -14.45 -19.54 3.93
CA GLN A 306 -13.04 -19.77 3.74
C GLN A 306 -12.76 -21.22 4.15
N VAL A 307 -11.48 -21.60 4.21
CA VAL A 307 -11.11 -22.91 4.71
C VAL A 307 -11.14 -22.67 6.21
N SER A 308 -11.70 -23.56 6.99
CA SER A 308 -11.76 -23.32 8.44
C SER A 308 -10.39 -23.09 9.06
N PRO A 309 -10.36 -22.18 10.04
CA PRO A 309 -9.13 -21.94 10.78
C PRO A 309 -8.82 -23.20 11.60
N GLY A 310 -7.57 -23.36 12.03
CA GLY A 310 -7.14 -24.47 12.86
C GLY A 310 -6.63 -25.69 12.11
N SER A 311 -6.43 -25.54 10.80
CA SER A 311 -5.94 -26.68 10.01
C SER A 311 -4.52 -27.00 10.40
N GLU A 312 -3.88 -26.03 11.08
CA GLU A 312 -2.54 -26.28 11.54
C GLU A 312 -2.61 -27.40 12.54
N GLN A 313 -3.71 -27.53 13.24
CA GLN A 313 -3.79 -28.60 14.25
C GLN A 313 -4.72 -29.72 13.83
N ILE A 314 -5.65 -29.48 12.94
CA ILE A 314 -6.63 -30.45 12.49
C ILE A 314 -6.63 -30.45 10.99
N PRO A 315 -5.73 -31.27 10.51
CA PRO A 315 -5.44 -31.48 9.10
C PRO A 315 -6.63 -31.85 8.25
N GLU A 316 -7.62 -32.53 8.83
CA GLU A 316 -8.82 -32.90 8.09
C GLU A 316 -9.53 -31.66 7.60
N LEU A 317 -9.34 -30.53 8.29
CA LEU A 317 -10.05 -29.34 7.89
C LEU A 317 -9.64 -28.91 6.51
N GLY A 318 -8.49 -29.38 6.07
CA GLY A 318 -8.04 -28.95 4.75
C GLY A 318 -6.62 -28.41 4.76
N ASP A 319 -6.28 -27.73 3.65
CA ASP A 319 -4.93 -27.25 3.57
C ASP A 319 -4.83 -25.94 2.87
N ILE A 320 -4.23 -24.99 3.59
CA ILE A 320 -4.18 -23.67 2.98
C ILE A 320 -2.93 -23.32 2.18
N SER A 321 -2.14 -24.27 1.86
CA SER A 321 -0.95 -23.87 1.14
C SER A 321 -1.26 -23.43 -0.26
N LEU A 322 -0.32 -22.64 -0.75
CA LEU A 322 -0.35 -22.12 -2.08
C LEU A 322 1.05 -22.29 -2.60
N LYS A 323 1.20 -23.16 -3.60
CA LYS A 323 2.51 -23.40 -4.20
C LYS A 323 2.86 -22.31 -5.23
N ALA A 324 4.15 -22.00 -5.31
CA ALA A 324 4.65 -20.97 -6.25
C ALA A 324 4.09 -21.24 -7.63
N GLY A 325 3.58 -20.18 -8.24
CA GLY A 325 3.04 -20.30 -9.58
C GLY A 325 1.63 -20.83 -9.70
N GLU A 326 1.07 -21.40 -8.64
CA GLU A 326 -0.30 -21.90 -8.72
C GLU A 326 -1.29 -20.75 -8.62
N LYS A 327 -2.37 -20.84 -9.37
CA LYS A 327 -3.34 -19.76 -9.29
C LYS A 327 -4.48 -19.99 -8.28
N TYR A 328 -4.53 -19.19 -7.24
CA TYR A 328 -5.59 -19.36 -6.26
C TYR A 328 -6.87 -18.66 -6.72
N GLN A 329 -8.02 -19.32 -6.53
CA GLN A 329 -9.33 -18.74 -6.88
C GLN A 329 -10.33 -19.06 -5.82
N ALA A 330 -11.23 -18.15 -5.57
CA ALA A 330 -12.29 -18.36 -4.60
C ALA A 330 -13.47 -17.49 -4.95
N THR A 331 -14.67 -18.02 -4.68
CA THR A 331 -15.86 -17.25 -4.99
C THR A 331 -16.89 -17.35 -3.93
N THR A 332 -17.39 -16.18 -3.57
CA THR A 332 -18.46 -16.09 -2.56
C THR A 332 -19.56 -15.13 -3.02
N ILE A 333 -20.81 -15.56 -2.89
CA ILE A 333 -21.93 -14.75 -3.29
C ILE A 333 -22.99 -14.51 -2.23
N TYR A 334 -23.34 -13.22 -2.14
CA TYR A 334 -24.39 -12.81 -1.22
C TYR A 334 -25.54 -12.33 -2.08
N SER A 335 -26.64 -13.07 -1.98
CA SER A 335 -27.85 -12.78 -2.76
C SER A 335 -28.98 -12.23 -1.90
N LEU A 336 -29.48 -11.08 -2.30
CA LEU A 336 -30.57 -10.39 -1.61
C LEU A 336 -31.96 -10.67 -2.24
N HIS A 337 -32.89 -11.11 -1.43
CA HIS A 337 -34.24 -11.37 -1.87
C HIS A 337 -35.26 -10.67 -0.99
N THR A 338 -36.32 -10.22 -1.65
CA THR A 338 -37.47 -9.56 -1.01
C THR A 338 -38.80 -10.27 -1.27
N LYS A 339 -39.48 -10.71 -0.20
CA LYS A 339 -40.73 -11.38 -0.41
C LYS A 339 -41.80 -10.46 -0.97
N LEU A 340 -42.60 -11.01 -1.91
CA LEU A 340 -43.72 -10.28 -2.53
C LEU A 340 -45.01 -11.12 -2.47
N SER B 2 -4.46 27.94 -3.74
CA SER B 2 -5.59 27.12 -4.00
C SER B 2 -5.19 25.67 -4.06
N ILE B 3 -6.11 24.80 -3.58
CA ILE B 3 -5.93 23.35 -3.54
C ILE B 3 -7.02 22.65 -4.33
N LYS B 4 -6.64 21.71 -5.20
CA LYS B 4 -7.59 20.98 -5.98
C LYS B 4 -7.19 19.53 -5.92
N ILE B 5 -8.21 18.66 -5.92
CA ILE B 5 -7.97 17.23 -5.91
C ILE B 5 -8.88 16.59 -6.91
N ARG B 6 -8.37 15.54 -7.55
CA ARG B 6 -9.15 14.80 -8.49
C ARG B 6 -8.55 13.42 -8.62
N ASP B 7 -9.36 12.46 -9.13
CA ASP B 7 -8.89 11.11 -9.34
C ASP B 7 -7.75 11.18 -10.39
N PHE B 8 -6.69 10.39 -10.20
CA PHE B 8 -5.54 10.39 -11.11
C PHE B 8 -5.41 9.07 -11.83
N GLY B 9 -6.30 8.13 -11.45
CA GLY B 9 -6.29 6.83 -12.08
C GLY B 9 -5.97 5.73 -11.08
N LEU B 10 -6.57 4.57 -11.34
CA LEU B 10 -6.35 3.36 -10.53
C LEU B 10 -6.60 3.52 -9.05
N GLY B 11 -7.21 4.63 -8.71
CA GLY B 11 -7.51 4.84 -7.32
C GLY B 11 -6.61 5.87 -6.73
N SER B 12 -5.69 6.42 -7.53
CA SER B 12 -4.83 7.43 -6.94
C SER B 12 -5.44 8.81 -7.18
N ASP B 13 -4.98 9.75 -6.39
CA ASP B 13 -5.47 11.12 -6.57
C ASP B 13 -4.32 12.01 -7.01
N LEU B 14 -4.69 13.16 -7.59
CA LEU B 14 -3.76 14.15 -8.02
C LEU B 14 -4.09 15.35 -7.15
N ILE B 15 -3.14 15.89 -6.39
CA ILE B 15 -3.37 17.07 -5.53
C ILE B 15 -2.58 18.20 -6.16
N SER B 16 -3.29 19.24 -6.55
CA SER B 16 -2.66 20.35 -7.20
C SER B 16 -2.75 21.62 -6.37
N LEU B 17 -1.57 22.25 -6.19
CA LEU B 17 -1.47 23.48 -5.42
C LEU B 17 -1.01 24.61 -6.33
N THR B 18 -1.54 25.83 -6.08
CA THR B 18 -1.13 27.00 -6.83
C THR B 18 -0.78 27.97 -5.73
N ASN B 19 0.38 28.59 -5.78
CA ASN B 19 0.68 29.50 -4.72
C ASN B 19 0.28 30.89 -5.15
N LYS B 20 0.52 31.86 -4.29
CA LYS B 20 0.16 33.22 -4.59
C LYS B 20 0.86 33.79 -5.82
N ALA B 21 2.02 33.24 -6.18
CA ALA B 21 2.76 33.72 -7.37
C ALA B 21 2.22 33.11 -8.65
N GLY B 22 1.29 32.18 -8.52
CA GLY B 22 0.74 31.57 -9.72
C GLY B 22 1.50 30.32 -10.13
N VAL B 23 2.51 29.92 -9.32
CA VAL B 23 3.25 28.72 -9.66
C VAL B 23 2.44 27.55 -9.18
N THR B 24 2.36 26.49 -9.98
CA THR B 24 1.56 25.31 -9.59
C THR B 24 2.43 24.04 -9.48
N ILE B 25 2.13 23.23 -8.52
CA ILE B 25 2.88 22.02 -8.37
C ILE B 25 1.85 20.95 -8.04
N SER B 26 2.13 19.70 -8.45
CA SER B 26 1.18 18.63 -8.17
C SER B 26 1.82 17.31 -7.74
N PHE B 27 1.06 16.61 -6.88
CA PHE B 27 1.50 15.34 -6.32
C PHE B 27 0.45 14.26 -6.43
N THR B 28 0.88 13.01 -6.27
CA THR B 28 -0.03 11.89 -6.23
C THR B 28 0.36 10.97 -5.03
N ASN B 29 -0.62 10.30 -4.48
CA ASN B 29 -0.39 9.41 -3.35
C ASN B 29 0.18 8.09 -3.83
N LEU B 30 0.26 7.96 -5.16
CA LEU B 30 0.85 6.74 -5.66
C LEU B 30 2.39 6.95 -5.59
N GLY B 31 3.02 6.44 -4.49
CA GLY B 31 4.44 6.59 -4.28
C GLY B 31 4.82 7.96 -3.65
N ALA B 32 3.84 8.71 -3.07
CA ALA B 32 4.06 10.02 -2.43
C ALA B 32 5.07 10.76 -3.32
N ARG B 33 4.55 11.00 -4.51
CA ARG B 33 5.29 11.51 -5.63
C ARG B 33 4.93 12.83 -6.20
N ILE B 34 5.95 13.54 -6.69
CA ILE B 34 5.66 14.81 -7.37
C ILE B 34 5.38 14.47 -8.83
N VAL B 35 4.32 15.07 -9.40
CA VAL B 35 3.92 14.78 -10.79
C VAL B 35 4.24 15.93 -11.69
N ASP B 36 4.06 17.13 -11.20
CA ASP B 36 4.40 18.20 -12.11
C ASP B 36 4.71 19.47 -11.31
N TRP B 37 5.43 20.39 -11.97
CA TRP B 37 5.81 21.68 -11.40
C TRP B 37 5.96 22.55 -12.62
N GLN B 38 5.09 23.57 -12.70
CA GLN B 38 5.10 24.45 -13.85
C GLN B 38 5.16 25.91 -13.48
N LYS B 39 5.89 26.64 -14.34
CA LYS B 39 5.97 28.07 -14.19
C LYS B 39 5.57 28.61 -15.54
N ASP B 40 4.55 29.46 -15.58
CA ASP B 40 4.14 30.03 -16.86
C ASP B 40 3.88 29.00 -17.95
N GLY B 41 3.21 27.94 -17.61
CA GLY B 41 2.84 26.94 -18.57
C GLY B 41 3.96 26.01 -18.97
N LYS B 42 5.13 26.16 -18.33
CA LYS B 42 6.21 25.29 -18.70
C LYS B 42 6.58 24.26 -17.66
N HIS B 43 6.67 22.99 -18.05
CA HIS B 43 7.06 21.97 -17.07
C HIS B 43 8.51 22.10 -16.65
N LEU B 44 8.81 22.19 -15.36
CA LEU B 44 10.20 22.27 -14.84
C LEU B 44 10.85 20.86 -14.56
N ILE B 45 9.95 19.85 -14.49
CA ILE B 45 10.26 18.46 -14.22
C ILE B 45 9.58 17.54 -15.19
N LEU B 46 10.01 16.31 -15.12
CA LEU B 46 9.46 15.24 -15.92
C LEU B 46 8.34 14.56 -15.14
N GLY B 47 7.26 14.24 -15.83
CA GLY B 47 6.13 13.53 -15.26
C GLY B 47 5.19 13.09 -16.38
N PHE B 48 4.26 12.20 -15.99
CA PHE B 48 3.23 11.61 -16.86
C PHE B 48 1.86 12.23 -16.58
N ASP B 49 0.87 11.86 -17.38
CA ASP B 49 -0.44 12.42 -17.24
C ASP B 49 -1.42 11.58 -16.47
N SER B 50 -1.04 10.36 -16.14
CA SER B 50 -1.93 9.51 -15.37
C SER B 50 -1.10 8.48 -14.64
N ALA B 51 -1.75 7.91 -13.66
CA ALA B 51 -1.13 6.91 -12.84
C ALA B 51 -0.66 5.66 -13.59
N LYS B 52 -1.46 5.22 -14.53
CA LYS B 52 -1.14 4.02 -15.27
C LYS B 52 0.18 4.16 -16.00
N GLU B 53 0.47 5.37 -16.47
CA GLU B 53 1.71 5.63 -17.19
C GLU B 53 2.86 5.38 -16.31
N TYR B 54 2.69 5.75 -15.04
CA TYR B 54 3.79 5.50 -14.16
C TYR B 54 4.03 4.00 -14.00
N LEU B 55 2.93 3.28 -13.84
CA LEU B 55 3.06 1.87 -13.66
C LEU B 55 3.46 1.12 -14.94
N GLU B 56 3.14 1.68 -16.07
CA GLU B 56 3.52 0.99 -17.30
C GLU B 56 4.79 1.51 -17.94
N LYS B 57 5.17 2.78 -17.70
CA LYS B 57 6.36 3.27 -18.32
C LYS B 57 7.54 3.26 -17.36
N ASP B 58 7.45 4.03 -16.30
CA ASP B 58 8.58 4.04 -15.41
C ASP B 58 8.03 4.51 -14.11
N ALA B 59 8.17 3.66 -13.15
CA ALA B 59 7.61 3.99 -11.86
C ALA B 59 8.42 4.88 -10.95
N TYR B 60 9.66 5.25 -11.30
CA TYR B 60 10.51 6.08 -10.42
C TYR B 60 10.38 7.57 -10.43
N PRO B 61 10.11 8.10 -11.60
CA PRO B 61 10.06 9.55 -11.66
C PRO B 61 9.25 10.23 -10.61
N GLY B 62 9.87 11.12 -9.90
CA GLY B 62 9.23 11.92 -8.90
C GLY B 62 8.88 11.19 -7.62
N ALA B 63 9.14 9.91 -7.56
CA ALA B 63 8.73 9.17 -6.39
C ALA B 63 9.57 9.26 -5.18
N THR B 64 8.93 8.84 -4.09
CA THR B 64 9.60 8.68 -2.84
C THR B 64 10.15 7.25 -2.98
N VAL B 65 11.46 7.04 -2.85
CA VAL B 65 11.97 5.65 -2.99
C VAL B 65 12.64 5.18 -1.68
N GLY B 66 12.53 3.92 -1.35
CA GLY B 66 13.14 3.45 -0.13
C GLY B 66 12.62 2.06 0.10
N PRO B 67 12.76 1.58 1.33
CA PRO B 67 13.31 2.25 2.51
C PRO B 67 14.75 2.72 2.41
N THR B 68 15.49 2.12 1.49
CA THR B 68 16.86 2.46 1.21
C THR B 68 17.04 2.81 -0.23
N ALA B 69 17.48 4.02 -0.46
CA ALA B 69 17.73 4.42 -1.85
C ALA B 69 19.09 4.00 -2.41
N GLY B 70 19.09 3.48 -3.64
CA GLY B 70 20.32 3.11 -4.29
C GLY B 70 20.50 1.62 -4.28
N ARG B 71 21.64 1.18 -4.67
CA ARG B 71 22.01 -0.24 -4.67
C ARG B 71 22.78 -0.70 -3.42
N ILE B 72 22.41 -1.88 -2.95
CA ILE B 72 23.05 -2.57 -1.84
C ILE B 72 23.63 -3.85 -2.43
N LYS B 73 24.95 -3.95 -2.46
CA LYS B 73 25.64 -5.08 -3.04
C LYS B 73 25.18 -6.41 -2.45
N ASP B 74 24.74 -7.35 -3.32
CA ASP B 74 24.24 -8.66 -2.92
C ASP B 74 23.06 -8.61 -1.93
N GLY B 75 22.38 -7.45 -1.84
CA GLY B 75 21.27 -7.18 -0.94
C GLY B 75 21.61 -7.47 0.50
N LEU B 76 22.90 -7.41 0.85
CA LEU B 76 23.26 -7.73 2.21
C LEU B 76 23.55 -6.56 3.13
N VAL B 77 22.85 -6.51 4.28
CA VAL B 77 23.08 -5.47 5.27
C VAL B 77 23.26 -6.13 6.60
N LYS B 78 23.90 -5.38 7.47
CA LYS B 78 24.19 -5.84 8.78
C LYS B 78 23.50 -4.95 9.77
N ILE B 79 22.59 -5.58 10.50
CA ILE B 79 21.79 -4.90 11.49
C ILE B 79 22.04 -5.39 12.89
N SER B 80 22.69 -4.54 13.66
CA SER B 80 23.00 -4.88 15.03
C SER B 80 23.71 -6.22 15.16
N GLY B 81 24.77 -6.34 14.36
CA GLY B 81 25.58 -7.52 14.33
C GLY B 81 24.94 -8.62 13.55
N LYS B 82 23.80 -8.33 12.96
CA LYS B 82 23.16 -9.39 12.23
C LYS B 82 23.09 -9.14 10.75
N ASP B 83 23.37 -10.19 10.05
CA ASP B 83 23.29 -10.14 8.61
C ASP B 83 21.84 -10.34 8.14
N TYR B 84 21.37 -9.46 7.22
CA TYR B 84 20.04 -9.58 6.65
C TYR B 84 20.19 -9.46 5.17
N ILE B 85 19.45 -10.29 4.46
CA ILE B 85 19.39 -10.26 3.03
C ILE B 85 18.02 -9.69 2.66
N LEU B 86 18.06 -8.65 1.85
CA LEU B 86 16.87 -7.97 1.39
C LEU B 86 16.51 -8.47 0.02
N ASN B 87 15.36 -8.06 -0.42
CA ASN B 87 14.89 -8.48 -1.73
C ASN B 87 15.92 -8.03 -2.77
N GLN B 88 16.31 -8.92 -3.66
CA GLN B 88 17.27 -8.59 -4.70
C GLN B 88 16.51 -8.46 -6.00
N ASN B 89 16.37 -7.28 -6.52
CA ASN B 89 15.59 -7.09 -7.72
C ASN B 89 16.42 -6.65 -8.89
N GLU B 90 17.72 -6.59 -8.72
CA GLU B 90 18.60 -6.17 -9.82
C GLU B 90 19.78 -7.12 -9.80
N GLY B 91 19.58 -8.27 -10.39
CA GLY B 91 20.60 -9.26 -10.32
C GLY B 91 20.71 -9.60 -8.81
N PRO B 92 21.89 -9.72 -8.21
CA PRO B 92 21.95 -10.00 -6.80
C PRO B 92 21.83 -8.75 -5.95
N GLN B 93 21.63 -7.62 -6.61
CA GLN B 93 21.50 -6.38 -5.86
C GLN B 93 20.06 -6.03 -5.48
N THR B 94 19.97 -5.27 -4.41
CA THR B 94 18.73 -4.71 -3.94
C THR B 94 18.80 -3.24 -4.41
N LEU B 95 17.94 -2.89 -5.38
CA LEU B 95 17.89 -1.53 -5.89
C LEU B 95 16.61 -0.85 -5.39
N HIS B 96 16.76 0.38 -4.86
CA HIS B 96 15.65 1.17 -4.36
C HIS B 96 14.60 0.41 -3.55
N GLY B 97 15.08 -0.35 -2.56
CA GLY B 97 14.25 -1.07 -1.63
C GLY B 97 13.69 -2.38 -2.09
N GLY B 98 14.05 -2.80 -3.30
CA GLY B 98 13.54 -4.08 -3.76
C GLY B 98 12.33 -3.94 -4.70
N GLU B 99 11.82 -5.09 -5.11
CA GLU B 99 10.71 -5.03 -6.01
C GLU B 99 9.44 -4.52 -5.40
N GLU B 100 8.58 -3.97 -6.27
CA GLU B 100 7.26 -3.53 -5.84
C GLU B 100 7.37 -2.82 -4.50
N SER B 101 8.30 -1.90 -4.42
CA SER B 101 8.55 -1.13 -3.19
C SER B 101 7.62 0.07 -3.05
N ILE B 102 7.93 0.92 -2.06
CA ILE B 102 7.11 2.03 -1.65
C ILE B 102 6.60 2.99 -2.70
N HIS B 103 7.37 3.08 -3.78
CA HIS B 103 7.06 3.98 -4.88
C HIS B 103 5.88 3.44 -5.69
N THR B 104 5.58 2.17 -5.47
CA THR B 104 4.48 1.55 -6.19
C THR B 104 3.21 1.46 -5.36
N LYS B 105 3.23 1.86 -4.07
CA LYS B 105 2.03 1.77 -3.23
C LYS B 105 1.26 3.08 -3.14
N LEU B 106 -0.06 2.92 -2.80
CA LEU B 106 -0.97 4.03 -2.60
C LEU B 106 -0.80 4.42 -1.16
N TRP B 107 -0.33 5.63 -0.92
CA TRP B 107 -0.16 6.05 0.48
C TRP B 107 -1.41 6.82 0.89
N THR B 108 -1.72 6.83 2.18
CA THR B 108 -2.85 7.62 2.63
C THR B 108 -2.26 9.01 2.83
N TYR B 109 -3.12 10.02 2.84
CA TYR B 109 -2.68 11.41 3.01
C TYR B 109 -3.75 12.34 3.57
N GLU B 110 -3.24 13.43 4.13
CA GLU B 110 -4.06 14.48 4.66
C GLU B 110 -3.39 15.82 4.26
N VAL B 111 -4.21 16.79 3.94
CA VAL B 111 -3.75 18.09 3.50
C VAL B 111 -3.91 19.17 4.53
N THR B 112 -2.86 19.92 4.80
CA THR B 112 -2.96 20.99 5.77
C THR B 112 -2.68 22.33 5.15
N ASP B 113 -3.69 23.17 5.21
CA ASP B 113 -3.62 24.48 4.67
C ASP B 113 -3.23 25.49 5.72
N LEU B 114 -2.03 26.01 5.53
CA LEU B 114 -1.46 27.00 6.41
C LEU B 114 -1.44 28.36 5.79
N GLY B 115 -2.13 28.53 4.69
CA GLY B 115 -2.16 29.84 4.08
C GLY B 115 -1.02 30.09 3.13
N ALA B 116 0.09 30.55 3.66
CA ALA B 116 1.28 30.83 2.85
C ALA B 116 2.00 29.54 2.47
N GLU B 117 1.62 28.48 3.15
CA GLU B 117 2.21 27.19 2.91
C GLU B 117 1.12 26.14 2.98
N VAL B 118 1.19 25.14 2.11
CA VAL B 118 0.23 24.05 2.12
C VAL B 118 1.06 22.77 2.25
N GLN B 119 0.71 21.91 3.19
CA GLN B 119 1.47 20.69 3.34
C GLN B 119 0.64 19.47 2.93
N VAL B 120 1.27 18.52 2.30
CA VAL B 120 0.59 17.29 1.94
C VAL B 120 1.40 16.18 2.61
N LYS B 121 0.83 15.63 3.68
CA LYS B 121 1.44 14.57 4.42
C LYS B 121 0.93 13.17 4.03
N PHE B 122 1.83 12.41 3.42
CA PHE B 122 1.55 11.02 3.01
C PHE B 122 2.08 10.03 4.01
N SER B 123 1.25 9.00 4.29
CA SER B 123 1.67 8.00 5.24
C SER B 123 1.64 6.56 4.75
N LEU B 124 2.53 5.78 5.32
CA LEU B 124 2.56 4.39 4.94
C LEU B 124 3.33 3.61 5.96
N VAL B 125 2.89 2.40 6.10
CA VAL B 125 3.56 1.53 7.02
C VAL B 125 4.23 0.43 6.27
N SER B 126 5.51 0.22 6.50
CA SER B 126 6.20 -0.90 5.88
C SER B 126 6.12 -2.00 6.93
N ASN B 127 5.42 -3.07 6.65
CA ASN B 127 5.32 -4.13 7.67
C ASN B 127 6.66 -4.80 7.97
N ASP B 128 6.78 -5.33 9.17
CA ASP B 128 7.98 -6.03 9.54
C ASP B 128 8.22 -7.14 8.53
N GLY B 129 9.45 -7.25 8.03
CA GLY B 129 9.84 -8.29 7.07
C GLY B 129 9.60 -8.01 5.57
N THR B 130 8.85 -6.92 5.29
CA THR B 130 8.53 -6.54 3.92
C THR B 130 9.84 -6.42 3.12
N ASN B 131 9.98 -7.22 2.06
CA ASN B 131 11.21 -7.17 1.27
C ASN B 131 12.48 -7.44 2.07
N GLY B 132 12.35 -8.12 3.25
CA GLY B 132 13.52 -8.45 4.06
C GLY B 132 13.82 -7.44 5.16
N TYR B 133 13.18 -6.26 5.13
CA TYR B 133 13.41 -5.17 6.12
C TYR B 133 12.68 -5.36 7.46
N PRO B 134 13.44 -5.34 8.58
CA PRO B 134 12.83 -5.49 9.89
C PRO B 134 11.96 -4.29 10.10
N GLY B 135 10.82 -4.47 10.80
CA GLY B 135 9.92 -3.35 11.04
C GLY B 135 9.05 -3.75 12.18
N LYS B 136 7.80 -3.26 12.20
CA LYS B 136 7.26 -2.42 11.18
C LYS B 136 7.80 -1.02 11.20
N ILE B 137 7.73 -0.38 10.05
CA ILE B 137 8.21 0.99 9.97
C ILE B 137 7.06 1.92 9.63
N GLU B 138 6.81 2.91 10.52
CA GLU B 138 5.75 3.86 10.19
C GLU B 138 6.38 5.07 9.51
N MET B 139 6.09 5.28 8.23
CA MET B 139 6.72 6.36 7.55
C MET B 139 5.78 7.45 7.13
N SER B 140 6.34 8.62 7.00
CA SER B 140 5.59 9.74 6.54
C SER B 140 6.49 10.68 5.70
N VAL B 141 5.91 11.15 4.61
CA VAL B 141 6.56 12.06 3.76
C VAL B 141 5.68 13.28 3.59
N THR B 142 6.17 14.43 3.99
CA THR B 142 5.42 15.65 3.81
C THR B 142 5.97 16.52 2.70
N HIS B 143 5.15 16.78 1.67
CA HIS B 143 5.55 17.65 0.58
C HIS B 143 4.84 18.95 0.85
N SER B 144 5.55 20.05 0.74
CA SER B 144 4.90 21.31 0.98
C SER B 144 5.42 22.30 -0.04
N PHE B 145 4.58 23.29 -0.28
CA PHE B 145 4.89 24.33 -1.23
C PHE B 145 4.42 25.62 -0.62
N ASP B 146 5.21 26.67 -0.78
CA ASP B 146 4.81 27.91 -0.20
C ASP B 146 4.83 29.05 -1.21
N ASP B 147 4.49 30.21 -0.66
CA ASP B 147 4.45 31.42 -1.47
C ASP B 147 5.80 31.93 -1.95
N ASP B 148 6.88 31.37 -1.37
CA ASP B 148 8.26 31.71 -1.72
C ASP B 148 8.82 30.76 -2.76
N ASN B 149 7.94 29.93 -3.30
CA ASN B 149 8.34 29.00 -4.33
C ASN B 149 9.33 27.95 -3.86
N LYS B 150 9.19 27.58 -2.62
CA LYS B 150 10.01 26.53 -2.06
C LYS B 150 9.18 25.25 -1.95
N TRP B 151 9.66 24.14 -2.54
CA TRP B 151 9.01 22.85 -2.47
C TRP B 151 9.87 22.08 -1.46
N LYS B 152 9.27 21.69 -0.35
CA LYS B 152 10.01 21.01 0.64
C LYS B 152 9.47 19.64 0.91
N ILE B 153 10.45 18.75 1.12
CA ILE B 153 10.23 17.33 1.44
C ILE B 153 10.80 17.00 2.83
N HIS B 154 9.92 16.53 3.71
CA HIS B 154 10.32 16.20 5.06
C HIS B 154 9.93 14.75 5.34
N TYR B 155 10.91 13.94 5.70
CA TYR B 155 10.71 12.53 5.94
C TYR B 155 10.71 12.25 7.43
N GLU B 156 9.85 11.36 7.86
CA GLU B 156 9.85 10.96 9.27
C GLU B 156 9.57 9.48 9.35
N ALA B 157 10.23 8.82 10.29
CA ALA B 157 10.02 7.41 10.43
C ALA B 157 10.42 6.93 11.82
N ILE B 158 9.69 5.88 12.23
CA ILE B 158 9.85 5.16 13.49
C ILE B 158 9.62 3.66 13.23
N SER B 159 10.59 2.83 13.73
CA SER B 159 10.60 1.40 13.59
C SER B 159 10.45 0.71 14.91
N ASP B 160 9.78 -0.42 14.84
CA ASP B 160 9.57 -1.24 16.01
C ASP B 160 10.79 -2.03 16.31
N LYS B 161 11.63 -2.20 15.28
CA LYS B 161 12.85 -3.00 15.33
C LYS B 161 14.05 -2.28 14.76
N ASP B 162 15.26 -2.70 15.14
CA ASP B 162 16.43 -2.06 14.58
C ASP B 162 16.39 -2.38 13.10
N THR B 163 16.54 -1.38 12.26
CA THR B 163 16.47 -1.65 10.81
C THR B 163 17.46 -0.69 10.09
N VAL B 164 17.27 -0.43 8.80
CA VAL B 164 18.05 0.50 7.99
C VAL B 164 17.03 1.45 7.31
N PHE B 165 17.37 2.73 7.16
CA PHE B 165 16.45 3.66 6.55
C PHE B 165 17.21 4.82 5.87
N ASN B 166 16.96 5.05 4.58
CA ASN B 166 17.69 6.05 3.91
C ASN B 166 17.00 6.30 2.59
N PRO B 167 15.82 6.89 2.70
CA PRO B 167 15.02 7.16 1.51
C PRO B 167 15.45 8.45 0.78
N THR B 168 14.90 8.63 -0.41
CA THR B 168 15.15 9.86 -1.18
C THR B 168 13.95 10.16 -2.12
N GLY B 169 14.01 11.32 -2.82
CA GLY B 169 13.03 11.79 -3.78
C GLY B 169 13.73 11.75 -5.12
N HIS B 170 13.06 11.09 -6.05
CA HIS B 170 13.54 10.80 -7.37
C HIS B 170 13.03 11.69 -8.49
N VAL B 171 12.80 12.95 -8.17
CA VAL B 171 12.37 13.86 -9.22
C VAL B 171 13.47 14.03 -10.26
N TYR B 172 13.06 14.34 -11.51
CA TYR B 172 13.95 14.57 -12.59
C TYR B 172 13.65 15.95 -13.09
N PHE B 173 14.65 16.79 -13.20
CA PHE B 173 14.39 18.09 -13.74
C PHE B 173 14.76 18.15 -15.20
N ASN B 174 14.08 19.08 -15.87
CA ASN B 174 14.39 19.34 -17.27
C ASN B 174 13.80 20.68 -17.60
N LEU B 175 14.65 21.70 -17.38
CA LEU B 175 14.25 23.09 -17.56
C LEU B 175 13.86 23.44 -18.98
N ASN B 176 14.09 22.52 -19.88
CA ASN B 176 13.67 22.73 -21.28
C ASN B 176 12.16 22.59 -21.38
N GLY B 177 11.58 21.88 -20.43
CA GLY B 177 10.15 21.66 -20.40
C GLY B 177 9.71 20.64 -21.43
N ASP B 178 10.69 19.92 -22.02
CA ASP B 178 10.44 18.91 -23.07
C ASP B 178 11.47 17.83 -22.96
N ALA B 179 11.03 16.59 -22.74
CA ALA B 179 11.90 15.47 -22.51
C ALA B 179 12.74 15.15 -23.70
N SER B 180 12.34 15.68 -24.84
CA SER B 180 13.11 15.35 -26.01
C SER B 180 14.31 16.32 -26.21
N GLU B 181 14.53 17.21 -25.23
CA GLU B 181 15.59 18.18 -25.23
C GLU B 181 16.52 17.85 -24.08
N SER B 182 17.78 17.59 -24.45
CA SER B 182 18.83 17.23 -23.54
C SER B 182 19.09 18.34 -22.54
N VAL B 183 19.45 17.98 -21.33
CA VAL B 183 19.77 18.98 -20.30
C VAL B 183 21.28 19.44 -20.42
N GLU B 184 21.98 19.03 -21.50
CA GLU B 184 23.37 19.42 -21.67
C GLU B 184 23.43 20.92 -21.78
N ASN B 185 22.32 21.56 -22.00
CA ASN B 185 22.37 23.01 -22.12
C ASN B 185 22.14 23.76 -20.78
N HIS B 186 22.03 23.00 -19.70
CA HIS B 186 21.78 23.61 -18.40
C HIS B 186 23.07 23.91 -17.69
N GLY B 187 23.09 24.92 -16.83
CA GLY B 187 24.30 25.20 -16.11
C GLY B 187 24.16 24.50 -14.77
N LEU B 188 25.27 23.91 -14.29
CA LEU B 188 25.28 23.21 -13.02
C LEU B 188 26.39 23.69 -12.06
N ARG B 189 25.98 23.99 -10.81
CA ARG B 189 26.92 24.42 -9.77
C ARG B 189 26.69 23.41 -8.63
N LEU B 190 27.76 22.78 -8.15
CA LEU B 190 27.61 21.77 -7.11
C LEU B 190 28.78 21.80 -6.14
N ALA B 191 28.45 22.04 -4.87
CA ALA B 191 29.46 22.11 -3.80
C ALA B 191 30.01 20.80 -3.30
N ALA B 192 30.64 20.08 -4.21
CA ALA B 192 31.22 18.79 -3.87
C ALA B 192 32.58 18.63 -4.56
N SER B 193 33.55 18.19 -3.76
CA SER B 193 34.93 17.97 -4.20
C SER B 193 35.27 16.52 -4.47
N ARG B 194 34.40 15.65 -4.00
CA ARG B 194 34.65 14.21 -4.19
C ARG B 194 33.46 13.43 -4.69
N PHE B 195 33.76 12.26 -5.26
CA PHE B 195 32.75 11.38 -5.74
C PHE B 195 33.04 9.93 -5.48
N VAL B 196 32.00 9.13 -5.63
CA VAL B 196 32.06 7.68 -5.41
C VAL B 196 31.97 6.92 -6.72
N PRO B 197 33.08 6.35 -7.14
CA PRO B 197 33.13 5.60 -8.39
C PRO B 197 32.47 4.22 -8.23
N LEU B 198 31.96 3.71 -9.35
CA LEU B 198 31.30 2.43 -9.36
C LEU B 198 32.24 1.40 -9.88
N LYS B 199 32.07 0.20 -9.38
CA LYS B 199 32.96 -0.83 -9.80
C LYS B 199 32.93 -1.15 -11.27
N ASP B 200 31.73 -1.32 -11.78
CA ASP B 200 31.48 -1.69 -13.14
C ASP B 200 30.03 -1.51 -13.53
N GLN B 201 29.63 -2.20 -14.61
CA GLN B 201 28.30 -2.14 -15.15
C GLN B 201 27.18 -2.51 -14.18
N THR B 202 27.45 -3.34 -13.14
CA THR B 202 26.46 -3.70 -12.15
C THR B 202 26.20 -2.50 -11.26
N GLU B 203 27.11 -1.57 -11.34
CA GLU B 203 26.90 -0.31 -10.61
C GLU B 203 27.02 -0.27 -9.12
N ILE B 204 27.62 -1.30 -8.55
CA ILE B 204 27.86 -1.25 -7.12
C ILE B 204 29.08 -0.36 -6.95
N VAL B 205 29.30 0.19 -5.77
CA VAL B 205 30.47 1.05 -5.60
C VAL B 205 31.83 0.31 -5.68
N ARG B 206 32.81 1.05 -6.22
CA ARG B 206 34.13 0.55 -6.40
C ARG B 206 34.85 0.24 -5.12
N GLY B 207 34.72 1.10 -4.13
CA GLY B 207 35.32 0.87 -2.84
C GLY B 207 36.12 2.06 -2.34
N ASP B 208 36.39 2.96 -3.27
CA ASP B 208 37.16 4.16 -2.96
C ASP B 208 36.40 5.48 -3.24
N ILE B 209 36.93 6.57 -2.67
CA ILE B 209 36.42 7.92 -2.81
C ILE B 209 37.47 8.69 -3.57
N VAL B 210 37.06 9.35 -4.61
CA VAL B 210 37.97 10.04 -5.43
C VAL B 210 37.65 11.53 -5.52
N ASP B 211 38.73 12.36 -5.43
CA ASP B 211 38.72 13.82 -5.56
C ASP B 211 38.53 14.15 -7.06
N ILE B 212 37.58 15.03 -7.37
CA ILE B 212 37.27 15.33 -8.76
C ILE B 212 37.56 16.73 -9.16
N LYS B 213 38.24 17.41 -8.25
CA LYS B 213 38.61 18.80 -8.53
C LYS B 213 39.35 18.93 -9.84
N ASN B 214 38.99 19.95 -10.59
CA ASN B 214 39.63 20.18 -11.86
C ASN B 214 39.45 19.10 -12.90
N THR B 215 38.41 18.28 -12.79
CA THR B 215 38.14 17.28 -13.79
C THR B 215 36.86 17.73 -14.47
N ASP B 216 36.43 16.99 -15.52
CA ASP B 216 35.18 17.34 -16.17
C ASP B 216 33.99 17.15 -15.18
N LEU B 217 34.19 16.51 -13.98
CA LEU B 217 33.08 16.33 -13.00
C LEU B 217 33.09 17.37 -11.88
N ASP B 218 34.01 18.31 -11.98
CA ASP B 218 34.13 19.35 -10.98
C ASP B 218 33.13 20.46 -11.30
N PHE B 219 32.05 20.63 -10.51
CA PHE B 219 31.09 21.71 -10.79
C PHE B 219 31.03 22.77 -9.68
N ARG B 220 32.07 22.86 -8.86
CA ARG B 220 32.09 23.81 -7.77
C ARG B 220 31.81 25.20 -8.30
N GLN B 221 32.31 25.42 -9.48
CA GLN B 221 32.10 26.68 -10.18
C GLN B 221 31.24 26.26 -11.36
N GLU B 222 30.18 27.02 -11.61
CA GLU B 222 29.23 26.68 -12.63
C GLU B 222 29.75 26.40 -13.99
N LYS B 223 29.30 25.29 -14.56
CA LYS B 223 29.65 24.97 -15.93
C LYS B 223 28.51 24.26 -16.63
N GLN B 224 28.53 24.22 -17.98
CA GLN B 224 27.45 23.56 -18.69
C GLN B 224 27.54 22.05 -18.50
N LEU B 225 26.37 21.37 -18.50
CA LEU B 225 26.40 19.93 -18.29
C LEU B 225 27.06 19.19 -19.44
N SER B 226 27.07 19.82 -20.61
CA SER B 226 27.75 19.22 -21.78
C SER B 226 29.20 18.84 -21.46
N ASN B 227 29.86 19.56 -20.55
CA ASN B 227 31.25 19.30 -20.19
C ASN B 227 31.41 17.90 -19.64
N ALA B 228 30.44 17.51 -18.82
CA ALA B 228 30.43 16.16 -18.21
C ALA B 228 30.06 15.10 -19.27
N PHE B 229 29.02 15.41 -20.07
CA PHE B 229 28.53 14.48 -21.07
C PHE B 229 29.51 14.18 -22.17
N ASN B 230 30.34 15.19 -22.44
CA ASN B 230 31.30 14.99 -23.48
C ASN B 230 32.57 14.37 -22.99
N SER B 231 32.68 14.23 -21.68
CA SER B 231 33.86 13.64 -21.10
C SER B 231 34.14 12.18 -21.43
N ASN B 232 35.41 11.83 -21.57
CA ASN B 232 35.77 10.43 -21.81
C ASN B 232 36.40 9.83 -20.58
N MET B 233 36.23 10.50 -19.46
CA MET B 233 36.73 9.94 -18.22
C MET B 233 36.04 8.58 -18.11
N GLU B 234 36.78 7.61 -17.57
CA GLU B 234 36.33 6.24 -17.38
C GLU B 234 34.95 6.12 -16.74
N GLN B 235 34.77 6.89 -15.68
CA GLN B 235 33.50 6.83 -15.00
C GLN B 235 32.32 7.30 -15.82
N VAL B 236 32.56 8.30 -16.64
CA VAL B 236 31.52 8.83 -17.49
C VAL B 236 31.19 7.83 -18.56
N GLN B 237 32.24 7.28 -19.10
CA GLN B 237 32.04 6.30 -20.15
C GLN B 237 31.35 5.03 -19.65
N LEU B 238 31.62 4.63 -18.41
CA LEU B 238 31.04 3.45 -17.88
C LEU B 238 29.52 3.47 -17.86
N VAL B 239 28.97 4.64 -17.50
CA VAL B 239 27.54 4.85 -17.37
C VAL B 239 26.87 5.70 -18.46
N LYS B 240 27.66 6.19 -19.40
CA LYS B 240 27.13 7.01 -20.48
C LYS B 240 26.49 8.30 -19.99
N GLY B 241 27.09 8.89 -18.96
CA GLY B 241 26.60 10.18 -18.41
C GLY B 241 27.05 10.19 -16.96
N ILE B 242 26.18 10.66 -16.05
CA ILE B 242 26.47 10.67 -14.62
C ILE B 242 25.47 9.72 -13.94
N ASP B 243 25.91 9.03 -12.91
CA ASP B 243 25.05 8.14 -12.18
C ASP B 243 25.81 7.79 -10.93
N HIS B 244 26.10 8.87 -10.18
CA HIS B 244 26.97 8.78 -9.02
C HIS B 244 26.65 9.69 -7.91
N PRO B 245 27.09 9.24 -6.77
CA PRO B 245 26.96 9.98 -5.55
C PRO B 245 28.10 11.00 -5.47
N PHE B 246 27.72 12.22 -5.14
CA PHE B 246 28.67 13.33 -4.93
C PHE B 246 28.69 13.65 -3.43
N LEU B 247 29.88 13.73 -2.82
CA LEU B 247 29.91 14.02 -1.37
C LEU B 247 29.95 15.52 -1.15
N LEU B 248 29.01 16.05 -0.39
CA LEU B 248 29.03 17.49 -0.19
C LEU B 248 30.20 17.90 0.70
N ASP B 249 30.84 18.99 0.32
CA ASP B 249 31.95 19.49 1.09
C ASP B 249 31.53 20.08 2.41
N GLN B 250 30.42 20.82 2.47
CA GLN B 250 29.92 21.42 3.70
C GLN B 250 28.46 21.08 3.97
N LEU B 251 28.16 20.52 5.15
CA LEU B 251 26.80 20.12 5.52
C LEU B 251 25.98 21.16 6.22
N GLY B 252 24.65 21.01 6.10
CA GLY B 252 23.75 21.96 6.73
C GLY B 252 22.68 22.39 5.77
N LEU B 253 21.48 22.43 6.26
CA LEU B 253 20.33 22.79 5.46
C LEU B 253 20.40 24.22 4.98
N ASP B 254 21.22 24.97 5.68
CA ASP B 254 21.42 26.38 5.41
C ASP B 254 22.19 26.71 4.15
N LYS B 255 23.01 25.81 3.66
CA LYS B 255 23.86 26.04 2.49
C LYS B 255 23.25 25.63 1.11
N GLU B 256 23.42 26.47 0.09
CA GLU B 256 22.93 26.11 -1.24
C GLU B 256 23.91 25.05 -1.77
N GLN B 257 23.53 23.78 -1.80
CA GLN B 257 24.44 22.77 -2.24
C GLN B 257 24.57 22.60 -3.73
N ALA B 258 23.49 22.89 -4.42
CA ALA B 258 23.49 22.79 -5.88
C ALA B 258 22.54 23.79 -6.48
N ARG B 259 22.83 24.15 -7.72
CA ARG B 259 21.97 25.07 -8.43
C ARG B 259 21.98 24.65 -9.91
N LEU B 260 20.79 24.51 -10.48
CA LEU B 260 20.63 24.11 -11.88
C LEU B 260 19.95 25.29 -12.56
N THR B 261 20.62 25.83 -13.61
CA THR B 261 20.11 26.98 -14.31
C THR B 261 19.95 26.79 -15.80
N LEU B 262 18.94 27.48 -16.30
CA LEU B 262 18.66 27.52 -17.72
C LEU B 262 18.08 28.90 -17.98
N ASP B 263 18.86 29.68 -18.73
CA ASP B 263 18.37 31.00 -19.00
C ASP B 263 17.99 31.76 -17.71
N ASP B 264 16.75 32.21 -17.63
CA ASP B 264 16.39 32.97 -16.44
C ASP B 264 15.85 32.17 -15.26
N THR B 265 15.84 30.84 -15.37
CA THR B 265 15.29 30.02 -14.31
C THR B 265 16.35 29.17 -13.62
N SER B 266 16.26 29.08 -12.28
CA SER B 266 17.16 28.28 -11.49
C SER B 266 16.41 27.50 -10.46
N ILE B 267 16.96 26.33 -10.20
CA ILE B 267 16.48 25.50 -9.15
C ILE B 267 17.64 25.35 -8.14
N SER B 268 17.39 25.70 -6.90
CA SER B 268 18.42 25.57 -5.88
C SER B 268 18.04 24.41 -5.00
N VAL B 269 19.09 23.70 -4.58
CA VAL B 269 18.91 22.51 -3.75
C VAL B 269 19.51 22.66 -2.35
N PHE B 270 18.70 22.41 -1.30
CA PHE B 270 19.17 22.47 0.08
C PHE B 270 18.78 21.15 0.72
N THR B 271 19.61 20.71 1.66
CA THR B 271 19.25 19.44 2.31
C THR B 271 20.08 19.26 3.56
N ASP B 272 19.67 18.37 4.40
CA ASP B 272 20.44 18.14 5.59
C ASP B 272 21.23 16.83 5.45
N GLN B 273 21.18 16.25 4.25
CA GLN B 273 21.87 14.99 3.97
C GLN B 273 23.32 15.28 3.48
N PRO B 274 24.18 14.26 3.54
CA PRO B 274 25.59 14.35 3.19
C PRO B 274 25.97 14.16 1.73
N SER B 275 25.07 13.61 0.93
CA SER B 275 25.41 13.46 -0.46
C SER B 275 24.24 13.78 -1.39
N ILE B 276 24.56 13.95 -2.70
CA ILE B 276 23.61 14.15 -3.78
C ILE B 276 23.99 13.13 -4.84
N VAL B 277 23.07 12.24 -5.08
CA VAL B 277 23.28 11.22 -6.08
C VAL B 277 22.68 11.79 -7.35
N ILE B 278 23.49 11.87 -8.40
CA ILE B 278 23.01 12.45 -9.65
C ILE B 278 22.93 11.44 -10.76
N PHE B 279 21.79 11.40 -11.47
CA PHE B 279 21.63 10.45 -12.59
C PHE B 279 21.05 11.27 -13.69
N THR B 280 21.73 11.24 -14.82
CA THR B 280 21.29 12.03 -15.94
C THR B 280 20.51 11.30 -17.02
N ALA B 281 19.64 10.37 -16.64
CA ALA B 281 18.78 9.72 -17.62
C ALA B 281 19.50 9.20 -18.84
N ASN B 282 20.48 8.36 -18.53
CA ASN B 282 21.37 7.76 -19.53
C ASN B 282 20.69 6.62 -20.22
N PHE B 283 19.47 6.86 -20.71
CA PHE B 283 18.72 5.76 -21.33
C PHE B 283 18.95 5.47 -22.79
N GLY B 284 19.88 6.18 -23.39
CA GLY B 284 20.11 5.95 -24.79
C GLY B 284 18.84 6.24 -25.58
N ASP B 285 18.58 5.32 -26.49
CA ASP B 285 17.45 5.44 -27.37
C ASP B 285 16.11 4.84 -26.86
N LEU B 286 16.06 4.48 -25.57
CA LEU B 286 14.83 3.93 -24.99
C LEU B 286 13.58 4.72 -25.41
N GLY B 287 13.69 6.05 -25.35
CA GLY B 287 12.65 6.97 -25.74
C GLY B 287 11.29 6.86 -25.04
N THR B 288 11.25 6.75 -23.73
CA THR B 288 10.02 6.72 -23.00
C THR B 288 9.27 8.03 -23.33
N LEU B 289 7.95 7.92 -23.60
CA LEU B 289 7.15 9.09 -23.97
C LEU B 289 6.66 9.94 -22.82
N TYR B 290 6.97 11.22 -22.84
CA TYR B 290 6.52 12.10 -21.78
C TYR B 290 5.71 13.14 -22.46
N HIS B 291 4.41 13.17 -22.17
CA HIS B 291 3.56 14.17 -22.81
C HIS B 291 3.70 14.08 -24.30
N GLU B 292 3.75 12.85 -24.79
CA GLU B 292 3.89 12.59 -26.21
C GLU B 292 5.23 12.98 -26.82
N LYS B 293 6.19 13.37 -25.96
CA LYS B 293 7.54 13.70 -26.45
C LYS B 293 8.44 12.51 -26.12
N LYS B 294 9.19 11.99 -27.10
CA LYS B 294 10.12 10.88 -26.86
C LYS B 294 11.36 11.38 -26.10
N GLN B 295 11.54 10.87 -24.91
CA GLN B 295 12.66 11.31 -24.13
C GLN B 295 13.99 10.96 -24.74
N VAL B 296 14.90 11.96 -24.75
CA VAL B 296 16.28 11.75 -25.25
C VAL B 296 17.25 11.32 -24.15
N HIS B 297 18.35 10.69 -24.58
CA HIS B 297 19.42 10.32 -23.68
C HIS B 297 19.85 11.65 -23.04
N HIS B 298 19.99 11.67 -21.72
CA HIS B 298 20.34 12.95 -21.06
C HIS B 298 19.17 13.94 -21.00
N GLY B 299 17.94 13.42 -21.18
CA GLY B 299 16.73 14.22 -21.15
C GLY B 299 16.16 14.50 -19.75
N GLY B 300 17.02 14.51 -18.72
CA GLY B 300 16.57 14.77 -17.34
C GLY B 300 17.74 14.61 -16.35
N ILE B 301 17.63 15.22 -15.15
CA ILE B 301 18.65 15.07 -14.15
C ILE B 301 18.04 15.05 -12.78
N THR B 302 18.54 14.15 -11.96
CA THR B 302 18.07 14.00 -10.59
C THR B 302 19.05 14.66 -9.62
N PHE B 303 18.60 14.90 -8.38
CA PHE B 303 19.36 15.41 -7.25
C PHE B 303 18.77 14.68 -6.05
N GLU B 304 19.21 13.44 -5.89
CA GLU B 304 18.73 12.58 -4.85
C GLU B 304 19.57 12.81 -3.63
N CYS B 305 19.01 13.54 -2.69
CA CYS B 305 19.73 13.82 -1.49
C CYS B 305 19.53 12.66 -0.53
N GLN B 306 20.65 12.14 -0.05
CA GLN B 306 20.57 11.03 0.91
C GLN B 306 21.93 10.68 1.43
N VAL B 307 21.98 9.66 2.29
CA VAL B 307 23.26 9.21 2.71
C VAL B 307 23.73 8.45 1.46
N SER B 308 24.99 8.62 1.05
CA SER B 308 25.48 7.93 -0.13
C SER B 308 25.35 6.39 -0.09
N PRO B 309 24.96 5.81 -1.22
CA PRO B 309 24.90 4.37 -1.30
C PRO B 309 26.35 3.83 -1.22
N GLY B 310 26.53 2.56 -0.78
CA GLY B 310 27.82 1.90 -0.66
C GLY B 310 28.39 1.94 0.74
N SER B 311 27.67 2.51 1.72
CA SER B 311 28.20 2.58 3.09
C SER B 311 28.44 1.19 3.62
N GLU B 312 27.82 0.22 2.97
CA GLU B 312 28.04 -1.15 3.39
C GLU B 312 29.52 -1.51 3.13
N GLN B 313 30.11 -0.93 2.08
CA GLN B 313 31.49 -1.19 1.72
C GLN B 313 32.43 -0.08 2.19
N ILE B 314 31.96 1.13 2.25
CA ILE B 314 32.73 2.28 2.65
C ILE B 314 32.11 2.97 3.82
N PRO B 315 32.45 2.43 4.95
CA PRO B 315 31.95 2.91 6.20
C PRO B 315 32.10 4.40 6.40
N GLU B 316 33.07 5.01 5.73
CA GLU B 316 33.30 6.43 5.85
C GLU B 316 32.08 7.23 5.33
N LEU B 317 31.30 6.64 4.40
CA LEU B 317 30.10 7.27 3.81
C LEU B 317 29.02 7.63 4.81
N GLY B 318 29.01 6.85 5.87
CA GLY B 318 28.04 7.06 6.92
C GLY B 318 27.41 5.74 7.39
N ASP B 319 26.36 5.87 8.21
CA ASP B 319 25.64 4.76 8.79
C ASP B 319 24.11 4.93 8.64
N ILE B 320 23.45 4.00 7.93
CA ILE B 320 22.02 4.18 7.74
C ILE B 320 21.19 3.35 8.68
N SER B 321 21.84 2.84 9.68
CA SER B 321 21.04 2.08 10.59
C SER B 321 20.01 3.00 11.28
N LEU B 322 18.88 2.42 11.71
CA LEU B 322 17.83 3.13 12.41
C LEU B 322 17.45 2.31 13.64
N LYS B 323 17.68 2.86 14.84
CA LYS B 323 17.33 2.07 16.03
C LYS B 323 15.88 2.06 16.39
N ALA B 324 15.49 0.92 16.92
CA ALA B 324 14.12 0.79 17.36
C ALA B 324 13.73 1.97 18.22
N GLY B 325 12.60 2.57 17.91
CA GLY B 325 12.08 3.70 18.65
C GLY B 325 12.70 5.07 18.38
N GLU B 326 13.80 5.05 17.60
CA GLU B 326 14.47 6.30 17.27
C GLU B 326 13.76 6.97 16.08
N LYS B 327 13.55 8.27 16.17
CA LYS B 327 12.87 8.92 15.10
C LYS B 327 13.76 9.41 13.98
N TYR B 328 13.47 8.94 12.79
CA TYR B 328 14.27 9.41 11.67
C TYR B 328 13.70 10.68 11.13
N GLN B 329 14.55 11.57 10.71
CA GLN B 329 14.09 12.79 10.06
C GLN B 329 15.07 13.18 8.97
N ALA B 330 14.54 13.78 7.93
CA ALA B 330 15.37 14.25 6.80
C ALA B 330 14.60 15.35 6.12
N THR B 331 15.33 16.35 5.61
CA THR B 331 14.70 17.49 4.92
C THR B 331 15.48 17.89 3.69
N THR B 332 14.76 18.04 2.60
CA THR B 332 15.36 18.43 1.35
C THR B 332 14.48 19.53 0.75
N ILE B 333 15.10 20.54 0.19
CA ILE B 333 14.37 21.62 -0.39
C ILE B 333 14.89 22.01 -1.77
N TYR B 334 13.93 22.22 -2.64
CA TYR B 334 14.16 22.64 -3.99
C TYR B 334 13.50 23.96 -4.14
N SER B 335 14.30 25.00 -4.40
CA SER B 335 13.64 26.27 -4.51
C SER B 335 13.82 26.86 -5.88
N LEU B 336 12.72 27.46 -6.35
CA LEU B 336 12.70 28.03 -7.66
C LEU B 336 12.90 29.52 -7.61
N HIS B 337 13.74 29.97 -8.53
CA HIS B 337 14.07 31.38 -8.70
C HIS B 337 14.14 31.80 -10.14
N THR B 338 14.00 33.07 -10.30
CA THR B 338 14.07 33.65 -11.61
C THR B 338 15.09 34.78 -11.56
N LYS B 339 15.93 34.86 -12.61
CA LYS B 339 17.00 35.86 -12.78
C LYS B 339 17.97 35.90 -11.61
N LEU B 340 18.37 34.73 -11.17
CA LEU B 340 19.33 34.60 -10.08
C LEU B 340 20.75 35.00 -10.53
N GLU B 341 21.00 34.70 -11.80
CA GLU B 341 22.25 34.97 -12.43
C GLU B 341 22.01 35.09 -13.92
N HIS B 342 23.10 35.42 -14.64
CA HIS B 342 23.08 35.58 -16.08
C HIS B 342 23.49 34.28 -16.72
N HIS B 343 22.61 33.67 -17.47
CA HIS B 343 22.94 32.43 -18.10
C HIS B 343 22.44 32.48 -19.53
N HIS B 344 23.32 32.92 -20.42
CA HIS B 344 22.97 33.07 -21.81
C HIS B 344 23.94 32.35 -22.65
N HIS B 345 23.59 31.14 -23.00
CA HIS B 345 24.46 30.27 -23.76
C HIS B 345 23.78 29.68 -24.96
N HIS B 346 24.56 28.98 -25.77
CA HIS B 346 24.02 28.31 -26.92
C HIS B 346 24.64 26.96 -27.16
N HIS B 347 23.75 26.02 -27.44
CA HIS B 347 24.17 24.67 -27.72
C HIS B 347 24.04 24.34 -29.17
C1 G6D C . -13.46 -12.60 17.14
O2 G6D C . -12.94 -10.22 17.47
C2 G6D C . -12.80 -11.31 16.60
C3 G6D C . -13.40 -11.01 15.23
O3 G6D C . -13.08 -9.73 14.63
C4 G6D C . -12.95 -12.13 14.37
O4 G6D C . -13.35 -11.89 13.04
C5 G6D C . -13.68 -13.36 14.96
O5 G6D C . -13.22 -13.69 16.26
C6 G6D C . -13.65 -14.65 14.19
O1 G6D C . -12.97 -12.96 18.43
NA NA D . -8.85 9.13 -3.56
C1 G6D E . 20.19 4.34 -12.10
O2 G6D E . 18.52 3.22 -13.39
C2 G6D E . 18.83 3.69 -12.10
C3 G6D E . 17.88 4.81 -11.77
O3 G6D E . 16.51 4.43 -11.81
C4 G6D E . 18.31 5.28 -10.39
O4 G6D E . 17.41 6.02 -9.67
C5 G6D E . 19.63 6.01 -10.51
O5 G6D E . 20.56 4.98 -10.81
C6 G6D E . 20.03 6.82 -9.25
O1 G6D E . 21.18 3.43 -12.59
#